data_4XX5
#
_entry.id   4XX5
#
_cell.length_a   144.444
_cell.length_b   67.418
_cell.length_c   106.698
_cell.angle_alpha   90.00
_cell.angle_beta   95.67
_cell.angle_gamma   90.00
#
_symmetry.space_group_name_H-M   'C 1 2 1'
#
loop_
_entity.id
_entity.type
_entity.pdbx_description
1 polymer 'Phosphatidylinositol 4,5-bisphosphate 3-kinase catalytic subunit gamma isoform'
2 non-polymer N-[5-(5-methoxypyridin-3-yl)-4,5,6,7-tetrahydro[1,3]thiazolo[5,4-c]pyridin-2-yl]acetamide
3 water water
#
_entity_poly.entity_id   1
_entity_poly.type   'polypeptide(L)'
_entity_poly.pdbx_seq_one_letter_code
;MSEESQAFQRQLTALIGYDVTDVSNVHDDELEFTRRGLVTPRMAEVASRDPKLYAMHPWVTSKPLPEYLWKKIANNCIFI
VIHRSTTSQTIKVSPDDTPGAILQSFFTKMAKKKSLMDIPESQSEQDFVLRVCGRDEYLVGETPIKNFQWVRHCLKNGEE
IHVVLDTPPDPALDEVRKEEWPLVDDCTGVTGYHEQLTIHGKDHESVFTVSLWDCDRKFRVKIRGIDIPVLPRNTDLTVF
VEANIQHGQQVLCQRRTSPKPFTEEVLWNVWLEFSIKIKDLPKGALLNLQIYCGKAPALSSKASAESPSSESKGKVRLLY
YVNLLLIDHRFLLRRGEYVLHMWQISGKGEDQGSFNADKLTSATNPDKENSMSISILLDNYCHPIALPKHQPTPDPEGDR
VRAEMPNQLRKQLEAIIATDPLNPLTAEDKELLWHFRYESLKHPKAYPKLFSSVKWGQQEIVAKTYQLLARREVWDQSAL
DVGLTMQLLDCNFSDENVRAIAVQKLESLEDDDVLHYLLQLVQAVKFEPYHDSALARFLLKRGLRNKRIGHFLFWFLRSE
IAQSRHYQQRFAVILEAYLRGCGTAMLHDFTQQVQVIEMLQKVTLDIKSLSAEKYDVSSQVISQLKQKLENLQNSQLPES
FRVPYDPGLKAGALAIEKCKVMASKKKPLWLEFKCADPTALSNETIGIIFKHGDDLRQDMLILQILRIMESIWETESLDL
CLLPYGCISTGDKIGMIEIVKDATTIAKIQQSTVGNTGAFKDEVLNHWLKEKSPTEEKFQAAVERFVYSCAGYCVATFVL
GIGDRHNDNIMITETGNLFHIDFGHILGNYKSFLGINKERVPFVLTPDFLFVMGTSGKKTSPHFQKFQDICVKAYLALRH
HTNLLIILFSMMLMTGMPQLTSKEDIEYIRDALTVGKNEEDAKKYFLDQIEVCRDKGWTVQFNWFLHLVLGIKQGEKHSA
HHHHHH
;
_entity_poly.pdbx_strand_id   A
#
loop_
_chem_comp.id
_chem_comp.type
_chem_comp.name
_chem_comp.formula
43R non-polymer N-[5-(5-methoxypyridin-3-yl)-4,5,6,7-tetrahydro[1,3]thiazolo[5,4-c]pyridin-2-yl]acetamide 'C14 H16 N4 O2 S'
#
# COMPACT_ATOMS: atom_id res chain seq x y z
CA SER A 2 -10.73 0.23 36.64
C SER A 2 -11.68 -0.85 36.15
N GLU A 3 -12.97 -0.69 36.38
CA GLU A 3 -13.97 -1.70 35.99
C GLU A 3 -14.30 -1.47 34.52
N GLU A 4 -14.77 -0.26 34.21
CA GLU A 4 -15.08 0.15 32.85
C GLU A 4 -13.81 0.17 32.03
N SER A 5 -12.72 0.61 32.64
CA SER A 5 -11.42 0.63 31.98
C SER A 5 -11.00 -0.72 31.36
N GLN A 6 -11.62 -1.82 31.80
CA GLN A 6 -11.35 -3.15 31.24
C GLN A 6 -12.35 -3.57 30.17
N ALA A 7 -13.43 -2.81 30.00
CA ALA A 7 -14.34 -2.98 28.85
C ALA A 7 -13.72 -2.35 27.60
N PHE A 8 -13.36 -1.07 27.72
CA PHE A 8 -12.57 -0.36 26.72
C PHE A 8 -11.57 -1.36 26.13
N GLN A 9 -10.80 -2.02 26.97
CA GLN A 9 -9.78 -2.91 26.47
C GLN A 9 -10.37 -4.09 25.67
N ARG A 10 -11.55 -4.56 26.02
CA ARG A 10 -12.21 -5.61 25.22
C ARG A 10 -12.71 -5.04 23.90
N GLN A 11 -13.12 -3.77 23.94
CA GLN A 11 -13.60 -3.00 22.80
C GLN A 11 -12.46 -2.83 21.82
N LEU A 12 -11.35 -2.31 22.34
CA LEU A 12 -10.14 -2.20 21.56
C LEU A 12 -9.80 -3.55 20.91
N THR A 13 -9.61 -4.58 21.73
CA THR A 13 -9.21 -5.87 21.21
C THR A 13 -10.12 -6.41 20.10
N ALA A 14 -11.41 -6.16 20.22
CA ALA A 14 -12.38 -6.66 19.24
C ALA A 14 -12.36 -5.84 17.94
N LEU A 15 -11.95 -4.57 18.05
CA LEU A 15 -11.69 -3.69 16.88
C LEU A 15 -10.41 -4.05 16.15
N ILE A 16 -9.46 -4.60 16.90
CA ILE A 16 -8.16 -4.91 16.38
C ILE A 16 -8.19 -6.28 15.72
N GLY A 17 -8.91 -7.19 16.38
CA GLY A 17 -8.87 -8.60 16.04
C GLY A 17 -7.56 -9.15 16.53
N TYR A 18 -7.04 -8.56 17.62
CA TYR A 18 -5.87 -9.08 18.31
C TYR A 18 -5.71 -8.49 19.73
N ASP A 19 -5.27 -9.33 20.66
CA ASP A 19 -5.20 -9.01 22.09
C ASP A 19 -3.80 -8.56 22.49
N VAL A 20 -3.58 -7.23 22.55
CA VAL A 20 -2.27 -6.65 22.92
C VAL A 20 -1.91 -6.75 24.41
N THR A 21 -2.74 -7.44 25.18
CA THR A 21 -2.41 -7.78 26.55
C THR A 21 -1.97 -9.24 26.68
N ASP A 22 -2.07 -10.00 25.59
CA ASP A 22 -1.67 -11.40 25.58
C ASP A 22 -0.14 -11.53 25.55
N VAL A 23 0.37 -12.32 26.49
CA VAL A 23 1.81 -12.54 26.70
C VAL A 23 2.16 -14.03 26.55
N SER A 24 1.20 -14.80 26.04
CA SER A 24 1.43 -16.19 25.69
C SER A 24 2.53 -16.35 24.62
N ASN A 25 2.74 -15.34 23.79
CA ASN A 25 3.80 -15.39 22.75
C ASN A 25 4.82 -14.24 22.78
N VAL A 26 5.73 -14.27 23.75
CA VAL A 26 6.71 -13.21 23.92
C VAL A 26 7.79 -13.78 24.83
N HIS A 27 9.06 -13.54 24.54
CA HIS A 27 10.14 -14.01 25.44
C HIS A 27 10.79 -12.81 26.14
N ASP A 28 10.08 -11.68 26.17
CA ASP A 28 10.61 -10.43 26.72
C ASP A 28 9.48 -9.42 26.67
N ASP A 29 9.76 -8.17 27.01
CA ASP A 29 8.70 -7.17 27.20
C ASP A 29 8.74 -6.02 26.20
N GLU A 30 9.21 -6.29 24.98
CA GLU A 30 9.41 -5.22 23.98
C GLU A 30 8.08 -4.61 23.64
N LEU A 31 7.09 -5.48 23.38
CA LEU A 31 5.76 -5.03 22.99
C LEU A 31 5.08 -4.23 24.07
N GLU A 32 5.18 -4.72 25.30
CA GLU A 32 4.58 -4.07 26.45
C GLU A 32 5.26 -2.72 26.67
N PHE A 33 6.59 -2.71 26.58
CA PHE A 33 7.37 -1.49 26.72
C PHE A 33 6.99 -0.44 25.67
N THR A 34 6.72 -0.94 24.46
CA THR A 34 6.39 -0.11 23.32
C THR A 34 4.96 0.41 23.37
N ARG A 35 4.08 -0.37 23.99
CA ARG A 35 2.76 0.14 24.35
C ARG A 35 2.91 1.29 25.31
N ARG A 36 3.76 1.13 26.32
CA ARG A 36 4.02 2.18 27.30
C ARG A 36 4.69 3.40 26.65
N GLY A 37 5.57 3.15 25.70
CA GLY A 37 6.35 4.22 25.07
C GLY A 37 5.53 5.17 24.22
N LEU A 38 4.49 4.65 23.60
CA LEU A 38 3.73 5.42 22.62
C LEU A 38 2.72 6.41 23.21
N VAL A 39 2.47 6.31 24.51
CA VAL A 39 1.41 7.11 25.14
C VAL A 39 1.71 8.59 25.00
N THR A 40 2.99 8.95 25.12
CA THR A 40 3.41 10.35 24.99
C THR A 40 3.13 10.92 23.60
N PRO A 41 3.73 10.31 22.56
CA PRO A 41 3.53 10.84 21.22
C PRO A 41 2.08 10.78 20.79
N ARG A 42 1.34 9.84 21.36
CA ARG A 42 -0.10 9.84 21.20
C ARG A 42 -0.63 11.07 21.90
N MET A 43 -0.44 11.10 23.21
CA MET A 43 -0.95 12.19 24.03
C MET A 43 -0.40 13.53 23.55
N ALA A 44 0.80 13.52 22.98
CA ALA A 44 1.38 14.72 22.36
C ALA A 44 0.45 15.26 21.27
N GLU A 45 0.18 14.42 20.28
CA GLU A 45 -0.60 14.81 19.10
C GLU A 45 -2.05 14.99 19.41
N VAL A 46 -2.56 14.16 20.31
CA VAL A 46 -3.91 14.34 20.80
C VAL A 46 -4.00 15.71 21.47
N ALA A 47 -3.00 16.05 22.28
CA ALA A 47 -3.00 17.33 23.04
C ALA A 47 -2.93 18.57 22.17
N SER A 48 -2.47 18.43 20.94
CA SER A 48 -2.17 19.59 20.12
C SER A 48 -2.99 19.70 18.84
N ARG A 49 -4.01 18.86 18.65
CA ARG A 49 -4.77 18.91 17.39
C ARG A 49 -5.99 19.84 17.51
N ASP A 50 -6.21 20.67 16.47
CA ASP A 50 -7.33 21.61 16.41
C ASP A 50 -8.62 20.81 16.35
N PRO A 51 -9.53 21.03 17.32
CA PRO A 51 -10.65 20.08 17.50
C PRO A 51 -11.74 20.15 16.41
N LYS A 52 -12.08 21.37 15.98
CA LYS A 52 -13.09 21.61 14.95
C LYS A 52 -12.55 21.20 13.58
N LEU A 53 -11.30 21.59 13.32
CA LEU A 53 -10.60 21.18 12.10
C LEU A 53 -10.39 19.69 12.01
N TYR A 54 -9.99 19.08 13.13
CA TYR A 54 -9.92 17.62 13.23
C TYR A 54 -11.25 16.96 12.83
N ALA A 55 -12.34 17.54 13.34
CA ALA A 55 -13.68 17.02 13.10
C ALA A 55 -14.13 17.18 11.64
N MET A 56 -13.60 18.19 10.95
CA MET A 56 -14.03 18.42 9.59
C MET A 56 -13.03 17.90 8.58
N HIS A 57 -11.84 17.56 9.05
CA HIS A 57 -10.85 16.86 8.23
C HIS A 57 -10.83 17.36 6.77
N PRO A 58 -10.75 18.69 6.57
CA PRO A 58 -10.80 19.27 5.22
C PRO A 58 -9.72 18.67 4.34
N TRP A 59 -10.06 18.31 3.12
CA TRP A 59 -9.17 17.48 2.32
C TRP A 59 -8.65 18.27 1.14
N VAL A 60 -7.35 18.47 1.17
CA VAL A 60 -6.77 19.70 0.67
C VAL A 60 -5.33 19.49 0.23
N THR A 61 -4.93 20.20 -0.82
CA THR A 61 -3.60 20.08 -1.42
C THR A 61 -2.93 21.42 -1.71
N SER A 62 -1.61 21.45 -1.59
CA SER A 62 -0.82 22.63 -1.91
C SER A 62 -0.39 22.60 -3.37
N LYS A 63 -0.47 21.44 -3.99
CA LYS A 63 -0.01 21.27 -5.37
C LYS A 63 -0.73 22.24 -6.28
N PRO A 64 -0.05 22.68 -7.33
CA PRO A 64 -0.73 23.51 -8.33
C PRO A 64 -1.87 22.77 -9.03
N LEU A 65 -2.82 23.51 -9.58
CA LEU A 65 -3.82 22.94 -10.48
C LEU A 65 -3.23 22.68 -11.86
N PRO A 66 -3.35 21.44 -12.37
CA PRO A 66 -2.68 21.09 -13.63
C PRO A 66 -3.08 21.94 -14.82
N GLU A 67 -2.27 21.91 -15.90
CA GLU A 67 -2.58 22.62 -17.16
C GLU A 67 -3.98 22.24 -17.64
N TYR A 68 -4.26 20.94 -17.61
CA TYR A 68 -5.50 20.41 -18.16
C TYR A 68 -6.75 20.97 -17.48
N LEU A 69 -6.69 21.17 -16.16
CA LEU A 69 -7.84 21.72 -15.44
C LEU A 69 -7.92 23.25 -15.48
N TRP A 70 -6.85 23.92 -15.90
CA TRP A 70 -6.95 25.36 -16.16
C TRP A 70 -7.65 25.59 -17.50
N LYS A 71 -7.47 24.67 -18.44
CA LYS A 71 -8.19 24.77 -19.70
C LYS A 71 -9.68 24.50 -19.48
N LYS A 72 -10.00 23.74 -18.44
CA LYS A 72 -11.41 23.50 -18.09
C LYS A 72 -12.08 24.77 -17.54
N ILE A 73 -11.27 25.73 -17.06
CA ILE A 73 -11.76 27.06 -16.61
C ILE A 73 -11.41 28.18 -17.61
N ALA A 74 -12.43 28.68 -18.31
CA ALA A 74 -12.21 29.75 -19.31
C ALA A 74 -12.62 31.17 -18.85
N ASN A 75 -12.96 31.33 -17.55
CA ASN A 75 -13.48 32.61 -17.02
C ASN A 75 -12.83 33.09 -15.72
N ASN A 76 -11.80 32.39 -15.24
CA ASN A 76 -11.17 32.71 -13.96
C ASN A 76 -12.26 32.87 -12.88
N CYS A 77 -13.17 31.90 -12.83
CA CYS A 77 -14.36 31.99 -12.00
C CYS A 77 -15.11 30.64 -12.03
N ILE A 78 -15.85 30.31 -10.97
CA ILE A 78 -16.36 28.94 -10.77
C ILE A 78 -17.73 28.88 -10.12
N PHE A 79 -18.50 27.86 -10.48
CA PHE A 79 -19.91 27.77 -10.07
C PHE A 79 -20.15 26.75 -8.95
N ILE A 80 -20.78 27.24 -7.89
CA ILE A 80 -21.10 26.48 -6.69
C ILE A 80 -22.58 26.71 -6.34
N VAL A 81 -23.36 25.64 -6.37
CA VAL A 81 -24.75 25.73 -5.95
C VAL A 81 -24.75 25.57 -4.44
N ILE A 82 -25.69 26.22 -3.75
CA ILE A 82 -25.78 26.10 -2.29
C ILE A 82 -27.23 25.98 -1.83
N HIS A 83 -27.47 25.18 -0.77
CA HIS A 83 -28.84 24.85 -0.30
C HIS A 83 -29.01 25.03 1.24
N ARG A 84 -30.27 25.25 1.69
CA ARG A 84 -30.62 25.18 3.15
C ARG A 84 -31.78 24.25 3.48
N SER A 85 -32.89 24.34 2.75
CA SER A 85 -34.03 23.46 3.03
C SER A 85 -34.94 23.40 1.83
N THR A 86 -34.53 22.62 0.83
CA THR A 86 -35.19 22.65 -0.48
C THR A 86 -35.22 24.10 -1.00
N THR A 87 -34.14 24.83 -0.70
CA THR A 87 -33.92 26.19 -1.19
C THR A 87 -32.49 26.12 -1.72
N SER A 88 -32.22 26.79 -2.84
CA SER A 88 -30.88 26.74 -3.43
C SER A 88 -30.60 27.84 -4.46
N GLN A 89 -29.38 28.36 -4.46
CA GLN A 89 -28.96 29.37 -5.43
C GLN A 89 -27.53 29.08 -5.87
N THR A 90 -27.18 29.57 -7.06
CA THR A 90 -25.86 29.37 -7.65
C THR A 90 -25.02 30.64 -7.54
N ILE A 91 -23.74 30.51 -7.16
CA ILE A 91 -22.84 31.66 -6.91
C ILE A 91 -21.55 31.60 -7.73
N LYS A 92 -21.29 32.69 -8.45
CA LYS A 92 -20.08 32.85 -9.25
C LYS A 92 -18.89 33.17 -8.31
N VAL A 93 -17.97 32.21 -8.15
CA VAL A 93 -16.87 32.30 -7.16
C VAL A 93 -15.49 32.44 -7.84
N SER A 94 -14.60 33.19 -7.19
CA SER A 94 -13.24 33.40 -7.69
C SER A 94 -12.38 32.22 -7.26
N PRO A 95 -11.63 31.60 -8.18
CA PRO A 95 -10.87 30.35 -7.88
C PRO A 95 -9.94 30.41 -6.66
N ASP A 96 -9.58 31.62 -6.25
CA ASP A 96 -8.73 31.80 -5.09
C ASP A 96 -9.56 32.10 -3.82
N ASP A 97 -10.90 32.08 -3.93
CA ASP A 97 -11.78 32.38 -2.79
C ASP A 97 -11.74 31.31 -1.70
N THR A 98 -11.90 31.76 -0.46
CA THR A 98 -11.87 30.89 0.70
C THR A 98 -13.31 30.55 1.06
N PRO A 99 -13.50 29.41 1.73
CA PRO A 99 -14.81 29.14 2.33
C PRO A 99 -15.28 30.28 3.23
N GLY A 100 -14.55 30.55 4.32
CA GLY A 100 -14.85 31.67 5.21
C GLY A 100 -15.18 32.98 4.49
N ALA A 101 -14.42 33.25 3.43
CA ALA A 101 -14.63 34.41 2.57
C ALA A 101 -15.93 34.34 1.78
N ILE A 102 -16.30 33.15 1.34
CA ILE A 102 -17.55 32.96 0.59
C ILE A 102 -18.80 33.17 1.44
N LEU A 103 -18.71 32.93 2.74
CA LEU A 103 -19.83 33.22 3.65
C LEU A 103 -20.16 34.71 3.74
N GLN A 104 -19.22 35.58 3.38
CA GLN A 104 -19.48 37.03 3.30
C GLN A 104 -20.34 37.37 2.10
N SER A 105 -20.03 36.76 0.95
CA SER A 105 -20.81 37.01 -0.25
C SER A 105 -22.22 36.45 -0.07
N PHE A 106 -22.37 35.51 0.86
CA PHE A 106 -23.67 34.91 1.12
C PHE A 106 -24.42 35.48 2.33
N PHE A 107 -23.74 35.73 3.45
CA PHE A 107 -24.38 36.46 4.56
C PHE A 107 -24.91 37.81 4.03
N THR A 108 -24.82 37.96 2.70
CA THR A 108 -25.51 38.96 1.90
C THR A 108 -26.93 38.57 1.42
N LYS A 109 -27.20 37.28 1.21
CA LYS A 109 -28.32 36.82 0.37
C LYS A 109 -29.67 36.48 1.08
N MET A 110 -29.77 35.33 1.76
CA MET A 110 -31.05 34.75 2.26
C MET A 110 -32.01 35.78 2.88
N ALA A 111 -31.64 36.31 4.04
CA ALA A 111 -32.52 37.18 4.82
C ALA A 111 -32.32 38.66 4.50
N LYS A 112 -33.37 39.27 3.93
CA LYS A 112 -33.41 40.71 3.66
C LYS A 112 -34.74 41.33 4.09
N GLN A 126 -23.33 34.01 15.78
CA GLN A 126 -23.41 32.71 15.14
C GLN A 126 -22.45 32.56 13.98
N ASP A 127 -22.20 31.32 13.59
CA ASP A 127 -21.29 31.00 12.48
C ASP A 127 -21.56 29.58 11.98
N PHE A 128 -21.91 29.45 10.70
CA PHE A 128 -22.32 28.17 10.09
C PHE A 128 -21.23 27.68 9.13
N VAL A 129 -21.47 26.56 8.44
CA VAL A 129 -20.39 25.90 7.67
C VAL A 129 -20.90 25.09 6.46
N LEU A 130 -20.03 24.93 5.46
CA LEU A 130 -20.36 24.31 4.16
C LEU A 130 -19.92 22.86 3.99
N ARG A 131 -20.88 21.95 3.94
CA ARG A 131 -20.60 20.54 3.70
C ARG A 131 -20.87 20.22 2.25
N VAL A 132 -20.27 19.16 1.76
CA VAL A 132 -20.65 18.65 0.45
C VAL A 132 -21.95 17.88 0.63
N CYS A 133 -22.81 17.99 -0.38
CA CYS A 133 -24.07 17.26 -0.36
C CYS A 133 -23.73 15.76 -0.48
N GLY A 134 -24.17 14.98 0.54
CA GLY A 134 -24.09 13.51 0.51
C GLY A 134 -22.89 12.89 1.22
N ARG A 135 -21.86 13.68 1.40
CA ARG A 135 -20.63 13.18 1.94
C ARG A 135 -20.50 13.70 3.32
N ASP A 136 -19.72 13.03 4.15
CA ASP A 136 -19.28 13.65 5.39
C ASP A 136 -17.95 14.26 5.07
N GLU A 137 -18.00 15.19 4.11
CA GLU A 137 -16.85 15.92 3.60
C GLU A 137 -17.17 17.41 3.65
N TYR A 138 -16.23 18.19 4.17
CA TYR A 138 -16.41 19.62 4.42
C TYR A 138 -15.42 20.50 3.68
N LEU A 139 -15.92 21.68 3.28
CA LEU A 139 -15.15 22.79 2.75
C LEU A 139 -14.95 23.85 3.84
N VAL A 140 -13.84 23.73 4.59
CA VAL A 140 -13.53 24.62 5.69
C VAL A 140 -12.05 24.95 5.74
N GLY A 141 -11.74 26.02 6.48
CA GLY A 141 -10.37 26.43 6.73
C GLY A 141 -9.83 27.39 5.70
N GLU A 142 -8.68 27.97 6.01
CA GLU A 142 -8.14 29.02 5.18
C GLU A 142 -7.31 28.41 4.03
N THR A 143 -8.02 27.86 3.05
CA THR A 143 -7.42 27.43 1.78
C THR A 143 -8.31 28.01 0.67
N PRO A 144 -7.76 28.18 -0.55
CA PRO A 144 -8.64 28.57 -1.66
C PRO A 144 -9.45 27.37 -2.08
N ILE A 145 -10.61 27.58 -2.69
CA ILE A 145 -11.38 26.44 -3.19
C ILE A 145 -10.59 25.64 -4.22
N LYS A 146 -9.83 26.29 -5.10
CA LYS A 146 -9.01 25.56 -6.08
C LYS A 146 -8.20 24.40 -5.45
N ASN A 147 -7.90 24.52 -4.16
CA ASN A 147 -7.04 23.60 -3.42
C ASN A 147 -7.78 22.55 -2.55
N PHE A 148 -9.11 22.44 -2.63
CA PHE A 148 -9.84 21.32 -2.03
C PHE A 148 -9.90 20.16 -3.03
N GLN A 149 -9.74 18.93 -2.55
CA GLN A 149 -9.59 17.81 -3.49
C GLN A 149 -10.91 17.51 -4.19
N TRP A 150 -12.02 17.68 -3.47
CA TRP A 150 -13.36 17.48 -4.04
C TRP A 150 -13.60 18.33 -5.29
N VAL A 151 -13.11 19.55 -5.24
CA VAL A 151 -13.31 20.51 -6.33
C VAL A 151 -12.60 20.04 -7.58
N ARG A 152 -11.30 19.79 -7.44
CA ARG A 152 -10.47 19.28 -8.54
C ARG A 152 -11.08 17.98 -9.08
N HIS A 153 -11.77 17.22 -8.22
CA HIS A 153 -12.47 16.01 -8.66
C HIS A 153 -13.66 16.36 -9.54
N CYS A 154 -14.48 17.31 -9.10
CA CYS A 154 -15.68 17.69 -9.85
C CYS A 154 -15.37 18.15 -11.27
N LEU A 155 -14.35 18.98 -11.39
CA LEU A 155 -13.94 19.51 -12.68
C LEU A 155 -13.34 18.47 -13.61
N LYS A 156 -12.73 17.43 -13.07
CA LYS A 156 -12.07 16.40 -13.90
C LYS A 156 -13.09 15.63 -14.70
N ASN A 157 -14.20 15.30 -14.07
CA ASN A 157 -15.24 14.51 -14.72
C ASN A 157 -16.36 15.38 -15.30
N GLY A 158 -16.37 16.66 -14.92
CA GLY A 158 -17.25 17.67 -15.50
C GLY A 158 -18.59 17.73 -14.77
N GLU A 159 -18.56 18.21 -13.52
CA GLU A 159 -19.72 18.07 -12.62
C GLU A 159 -19.94 19.31 -11.74
N GLU A 160 -21.19 19.50 -11.30
CA GLU A 160 -21.54 20.62 -10.42
C GLU A 160 -20.95 20.47 -9.04
N ILE A 161 -20.84 21.57 -8.33
CA ILE A 161 -20.38 21.54 -6.96
C ILE A 161 -21.57 21.81 -6.06
N HIS A 162 -21.95 20.83 -5.24
CA HIS A 162 -23.14 20.97 -4.41
C HIS A 162 -22.83 20.96 -2.93
N VAL A 163 -23.39 21.95 -2.25
CA VAL A 163 -23.03 22.30 -0.90
C VAL A 163 -24.28 22.60 -0.06
N VAL A 164 -24.27 22.15 1.19
CA VAL A 164 -25.35 22.51 2.10
C VAL A 164 -24.77 23.15 3.36
N LEU A 165 -25.40 24.23 3.80
CA LEU A 165 -25.00 24.88 5.02
C LEU A 165 -25.69 24.22 6.21
N ASP A 166 -24.91 23.47 7.03
CA ASP A 166 -25.36 23.10 8.38
C ASP A 166 -24.37 23.59 9.42
N THR A 167 -24.62 23.28 10.68
CA THR A 167 -23.74 23.70 11.75
C THR A 167 -22.63 22.68 11.87
N PRO A 168 -21.47 23.11 12.44
CA PRO A 168 -20.31 22.25 12.44
C PRO A 168 -20.48 21.05 13.35
N PRO A 169 -19.69 20.00 13.09
CA PRO A 169 -19.67 18.89 14.02
C PRO A 169 -19.11 19.35 15.35
N ASP A 170 -19.81 19.02 16.43
CA ASP A 170 -19.33 19.32 17.76
C ASP A 170 -18.05 18.53 17.96
N PRO A 171 -17.03 19.17 18.52
CA PRO A 171 -15.81 18.44 18.85
C PRO A 171 -15.94 17.57 20.09
N ALA A 172 -16.82 17.95 21.03
CA ALA A 172 -17.12 17.09 22.20
C ALA A 172 -17.47 15.65 21.80
N LEU A 173 -17.55 15.41 20.49
CA LEU A 173 -17.76 14.08 19.94
C LEU A 173 -16.41 13.36 19.73
N ASP A 174 -15.33 14.13 19.56
CA ASP A 174 -13.95 13.60 19.44
C ASP A 174 -13.27 13.31 20.80
N GLU A 175 -13.98 13.59 21.89
CA GLU A 175 -13.65 13.15 23.27
C GLU A 175 -12.72 11.94 23.32
N VAL A 176 -11.66 12.03 24.12
CA VAL A 176 -10.72 10.94 24.27
C VAL A 176 -10.78 10.40 25.72
N ARG A 177 -10.89 9.08 25.89
CA ARG A 177 -10.93 8.48 27.22
C ARG A 177 -9.69 8.85 28.02
N LYS A 178 -9.88 9.09 29.31
CA LYS A 178 -8.80 9.55 30.19
C LYS A 178 -7.84 8.38 30.36
N GLU A 179 -6.54 8.64 30.24
CA GLU A 179 -5.56 7.56 30.26
C GLU A 179 -5.23 7.10 31.66
N GLU A 180 -4.60 5.93 31.75
CA GLU A 180 -4.14 5.38 33.03
C GLU A 180 -2.82 4.61 32.81
N TRP A 181 -1.69 5.32 32.81
CA TRP A 181 -0.36 4.70 32.68
C TRP A 181 0.59 5.27 33.72
N CYS A 215 32.27 -5.85 26.55
CA CYS A 215 33.28 -6.91 26.63
C CYS A 215 34.23 -6.92 25.40
N ASP A 216 35.27 -7.74 25.47
CA ASP A 216 36.22 -7.91 24.38
C ASP A 216 36.18 -9.34 23.83
N ARG A 217 35.29 -10.14 24.41
CA ARG A 217 35.10 -11.54 24.07
C ARG A 217 34.66 -11.62 22.61
N LYS A 218 34.91 -12.75 21.96
CA LYS A 218 34.18 -13.08 20.74
C LYS A 218 32.77 -13.48 21.13
N PHE A 219 31.79 -13.14 20.30
CA PHE A 219 30.42 -13.58 20.56
C PHE A 219 30.26 -15.10 20.36
N ARG A 220 29.47 -15.71 21.25
CA ARG A 220 29.23 -17.12 21.22
C ARG A 220 27.85 -17.42 21.75
N VAL A 221 27.40 -18.64 21.52
CA VAL A 221 26.03 -19.02 21.81
C VAL A 221 25.87 -20.52 21.88
N LYS A 222 25.40 -21.02 23.03
CA LYS A 222 25.18 -22.44 23.16
C LYS A 222 23.92 -22.84 22.41
N ILE A 223 24.14 -23.54 21.31
CA ILE A 223 23.08 -24.25 20.62
C ILE A 223 22.83 -25.51 21.40
N ARG A 224 21.62 -25.64 21.93
CA ARG A 224 21.27 -26.80 22.76
C ARG A 224 20.66 -27.93 21.94
N GLY A 225 19.77 -27.58 21.01
CA GLY A 225 19.10 -28.58 20.18
C GLY A 225 17.77 -28.10 19.68
N ILE A 226 17.05 -28.96 18.95
CA ILE A 226 15.74 -28.63 18.37
C ILE A 226 14.66 -29.63 18.81
N ASP A 227 13.42 -29.33 18.42
CA ASP A 227 12.30 -30.18 18.76
C ASP A 227 11.11 -29.89 17.86
N ILE A 228 10.73 -30.88 17.05
CA ILE A 228 9.42 -30.86 16.39
C ILE A 228 8.64 -32.09 16.85
N PRO A 229 7.41 -31.89 17.33
CA PRO A 229 6.62 -33.05 17.75
C PRO A 229 6.21 -34.04 16.63
N VAL A 230 5.84 -33.53 15.44
CA VAL A 230 5.45 -34.40 14.31
C VAL A 230 6.25 -34.07 13.04
N LEU A 231 6.84 -35.13 12.48
CA LEU A 231 7.80 -35.04 11.41
C LEU A 231 7.09 -35.09 10.05
N PRO A 232 7.31 -34.10 9.16
CA PRO A 232 6.79 -34.11 7.79
C PRO A 232 7.10 -35.34 6.87
N ARG A 233 8.38 -35.67 6.65
CA ARG A 233 8.77 -36.61 5.55
C ARG A 233 9.21 -38.05 5.95
N ASN A 234 9.72 -38.22 7.17
CA ASN A 234 9.95 -39.56 7.80
C ASN A 234 11.20 -40.35 7.37
N THR A 235 11.43 -40.53 6.06
CA THR A 235 12.56 -41.34 5.59
C THR A 235 13.87 -40.71 6.03
N ASP A 236 14.53 -41.38 6.99
CA ASP A 236 15.82 -40.95 7.53
C ASP A 236 16.57 -39.95 6.65
N LEU A 237 16.47 -38.65 7.00
CA LEU A 237 17.20 -37.55 6.33
C LEU A 237 18.30 -36.98 7.27
N THR A 238 18.87 -35.82 6.91
CA THR A 238 20.08 -35.29 7.54
C THR A 238 19.94 -33.78 7.75
N VAL A 239 20.25 -33.28 8.95
CA VAL A 239 19.85 -31.91 9.35
C VAL A 239 20.92 -31.07 10.14
N PHE A 240 21.21 -29.84 9.68
CA PHE A 240 22.07 -28.87 10.42
C PHE A 240 21.41 -27.52 10.70
N VAL A 241 21.89 -26.85 11.75
CA VAL A 241 21.40 -25.52 12.12
C VAL A 241 22.40 -24.51 11.55
N GLU A 242 21.94 -23.29 11.30
CA GLU A 242 22.83 -22.25 10.82
C GLU A 242 22.49 -20.94 11.48
N ALA A 243 23.50 -20.32 12.06
CA ALA A 243 23.31 -19.13 12.88
C ALA A 243 24.11 -18.00 12.29
N ASN A 244 23.40 -16.96 11.90
CA ASN A 244 23.98 -15.83 11.23
C ASN A 244 23.80 -14.65 12.13
N ILE A 245 24.77 -13.76 12.12
CA ILE A 245 24.61 -12.46 12.72
C ILE A 245 24.29 -11.52 11.58
N GLN A 246 23.19 -10.78 11.69
CA GLN A 246 22.67 -9.95 10.60
C GLN A 246 22.43 -8.47 10.92
N HIS A 247 22.59 -7.65 9.88
CA HIS A 247 22.36 -6.20 9.99
C HIS A 247 22.00 -5.58 8.63
N GLY A 248 20.74 -5.67 8.23
CA GLY A 248 20.31 -5.15 6.92
C GLY A 248 20.63 -6.10 5.78
N GLN A 249 20.33 -7.38 6.01
CA GLN A 249 20.81 -8.49 5.17
C GLN A 249 22.29 -8.43 4.85
N GLN A 250 22.99 -7.51 5.48
CA GLN A 250 24.42 -7.59 5.59
C GLN A 250 24.58 -8.68 6.63
N VAL A 251 25.38 -9.70 6.32
CA VAL A 251 25.76 -10.74 7.27
C VAL A 251 27.17 -10.53 7.77
N LEU A 252 27.34 -10.63 9.07
CA LEU A 252 28.59 -10.24 9.69
C LEU A 252 29.45 -11.48 9.88
N CYS A 253 28.88 -12.47 10.53
CA CYS A 253 29.51 -13.75 10.66
C CYS A 253 28.45 -14.81 10.51
N GLN A 254 28.92 -16.00 10.24
CA GLN A 254 28.06 -17.15 10.19
C GLN A 254 28.80 -18.34 10.83
N ARG A 255 28.05 -19.13 11.63
CA ARG A 255 28.49 -20.43 12.13
C ARG A 255 27.39 -21.47 11.84
N ARG A 256 27.77 -22.76 11.86
CA ARG A 256 26.84 -23.90 11.65
C ARG A 256 26.95 -24.99 12.77
N THR A 257 26.34 -26.16 12.54
CA THR A 257 26.53 -27.31 13.41
C THR A 257 26.90 -28.53 12.58
N SER A 258 27.42 -29.53 13.27
CA SER A 258 27.65 -30.83 12.64
C SER A 258 26.26 -31.38 12.42
N PRO A 259 25.94 -31.76 11.17
CA PRO A 259 24.59 -32.27 10.92
C PRO A 259 24.35 -33.60 11.63
N LYS A 260 23.10 -33.85 12.03
CA LYS A 260 22.72 -35.08 12.73
C LYS A 260 21.45 -35.68 12.12
N PRO A 261 21.05 -36.88 12.58
CA PRO A 261 19.82 -37.47 12.06
C PRO A 261 18.60 -36.68 12.47
N PHE A 262 17.74 -36.37 11.50
CA PHE A 262 16.55 -35.59 11.75
C PHE A 262 15.45 -36.45 12.39
N THR A 263 15.49 -36.55 13.71
CA THR A 263 14.40 -37.11 14.50
C THR A 263 13.75 -35.99 15.29
N GLU A 264 12.49 -36.20 15.64
CA GLU A 264 11.68 -35.22 16.39
C GLU A 264 12.41 -34.45 17.52
N GLU A 265 13.50 -35.01 18.08
CA GLU A 265 14.42 -34.25 18.95
C GLU A 265 15.89 -34.41 18.45
N VAL A 266 16.65 -33.31 18.40
CA VAL A 266 18.09 -33.32 18.07
C VAL A 266 18.84 -32.39 19.02
N LEU A 267 19.85 -32.92 19.70
CA LEU A 267 20.62 -32.16 20.70
C LEU A 267 22.14 -32.14 20.40
N TRP A 268 22.73 -30.94 20.31
CA TRP A 268 24.19 -30.78 20.11
C TRP A 268 24.95 -30.36 21.38
N ASN A 269 24.39 -29.41 22.14
CA ASN A 269 24.99 -28.78 23.32
C ASN A 269 26.24 -27.92 23.05
N VAL A 270 26.36 -27.35 21.85
CA VAL A 270 27.61 -26.70 21.44
C VAL A 270 27.67 -25.20 21.70
N TRP A 271 28.88 -24.73 21.98
CA TRP A 271 29.20 -23.31 21.88
C TRP A 271 29.58 -22.96 20.45
N LEU A 272 28.92 -21.96 19.88
CA LEU A 272 29.29 -21.41 18.58
C LEU A 272 29.95 -20.05 18.79
N GLU A 273 31.28 -20.08 18.83
CA GLU A 273 32.07 -18.88 18.90
C GLU A 273 32.11 -18.29 17.53
N PHE A 274 31.69 -17.04 17.43
CA PHE A 274 31.68 -16.32 16.18
C PHE A 274 32.98 -15.56 16.05
N SER A 275 33.16 -14.91 14.89
CA SER A 275 34.31 -14.05 14.63
C SER A 275 34.17 -12.65 15.28
N ILE A 276 32.94 -12.20 15.53
CA ILE A 276 32.69 -10.83 16.02
C ILE A 276 32.88 -10.64 17.52
N LYS A 277 33.42 -9.49 17.89
CA LYS A 277 33.59 -9.13 19.29
C LYS A 277 32.27 -8.59 19.87
N ILE A 278 32.08 -8.78 21.16
CA ILE A 278 30.88 -8.31 21.83
C ILE A 278 30.76 -6.81 21.64
N LYS A 279 31.87 -6.10 21.74
CA LYS A 279 31.82 -4.64 21.64
C LYS A 279 31.65 -4.21 20.18
N ASP A 280 31.91 -5.15 19.26
CA ASP A 280 31.73 -4.91 17.82
C ASP A 280 30.33 -5.34 17.36
N LEU A 281 29.36 -5.29 18.25
CA LEU A 281 27.98 -5.60 17.90
C LEU A 281 27.25 -4.31 17.79
N PRO A 282 26.38 -4.18 16.77
CA PRO A 282 25.52 -3.02 16.58
C PRO A 282 24.09 -3.27 16.99
N LYS A 283 23.38 -2.18 17.24
CA LYS A 283 22.01 -2.24 17.65
C LYS A 283 21.15 -2.64 16.46
N GLY A 284 20.28 -3.64 16.69
CA GLY A 284 19.43 -4.15 15.63
C GLY A 284 20.10 -5.26 14.85
N ALA A 285 21.18 -5.80 15.40
CA ALA A 285 21.78 -6.98 14.84
C ALA A 285 20.89 -8.10 15.30
N LEU A 286 20.57 -8.97 14.36
CA LEU A 286 19.74 -10.13 14.63
C LEU A 286 20.57 -11.38 14.62
N LEU A 287 20.36 -12.18 15.64
CA LEU A 287 20.81 -13.55 15.60
C LEU A 287 19.78 -14.37 14.81
N ASN A 288 20.00 -14.49 13.51
CA ASN A 288 19.16 -15.35 12.70
C ASN A 288 19.55 -16.81 12.89
N LEU A 289 18.56 -17.69 13.02
CA LEU A 289 18.78 -19.12 13.22
C LEU A 289 17.93 -19.93 12.26
N GLN A 290 18.55 -20.84 11.53
CA GLN A 290 17.88 -21.51 10.41
C GLN A 290 18.14 -23.00 10.38
N ILE A 291 17.23 -23.75 9.76
CA ILE A 291 17.30 -25.21 9.76
C ILE A 291 17.21 -25.72 8.35
N TYR A 292 18.12 -26.66 8.02
CA TYR A 292 18.45 -27.06 6.66
C TYR A 292 18.56 -28.58 6.43
N CYS A 293 18.26 -29.02 5.21
CA CYS A 293 18.53 -30.40 4.74
C CYS A 293 18.07 -30.61 3.29
N ARG A 317 16.26 -27.10 0.91
CA ARG A 317 16.99 -27.36 2.16
C ARG A 317 16.46 -26.58 3.36
N LEU A 318 16.23 -25.28 3.19
CA LEU A 318 15.72 -24.44 4.28
C LEU A 318 14.30 -24.86 4.68
N LEU A 319 14.06 -24.84 5.99
CA LEU A 319 12.89 -25.47 6.56
C LEU A 319 12.20 -24.64 7.62
N TYR A 320 12.98 -24.14 8.56
CA TYR A 320 12.46 -23.25 9.57
C TYR A 320 13.47 -22.12 9.78
N TYR A 321 12.96 -21.01 10.29
CA TYR A 321 13.83 -19.90 10.64
C TYR A 321 13.26 -19.18 11.81
N VAL A 322 14.13 -18.54 12.60
CA VAL A 322 13.69 -17.66 13.69
C VAL A 322 14.80 -16.62 14.05
N ASN A 323 14.39 -15.54 14.70
CA ASN A 323 15.29 -14.45 15.06
C ASN A 323 15.19 -13.98 16.50
N LEU A 324 16.34 -13.53 16.98
CA LEU A 324 16.45 -12.88 18.26
C LEU A 324 17.27 -11.63 18.05
N LEU A 325 16.70 -10.47 18.35
CA LEU A 325 17.48 -9.23 18.44
C LEU A 325 18.58 -9.39 19.51
N LEU A 326 19.84 -9.28 19.08
CA LEU A 326 20.99 -9.54 19.95
C LEU A 326 21.15 -8.47 20.98
N ILE A 327 20.94 -7.22 20.56
CA ILE A 327 20.84 -6.10 21.48
C ILE A 327 19.36 -5.71 21.62
N ASP A 328 18.87 -5.67 22.87
CA ASP A 328 17.45 -5.50 23.16
C ASP A 328 17.10 -4.03 23.25
N HIS A 329 15.81 -3.75 23.39
CA HIS A 329 15.26 -2.38 23.38
C HIS A 329 15.66 -1.46 24.55
N ARG A 330 16.56 -1.92 25.43
CA ARG A 330 17.15 -1.10 26.50
C ARG A 330 18.66 -0.83 26.30
N PHE A 331 19.18 -1.15 25.10
CA PHE A 331 20.63 -1.09 24.76
C PHE A 331 21.45 -2.17 25.49
N LEU A 332 20.75 -3.22 25.92
CA LEU A 332 21.36 -4.25 26.72
C LEU A 332 21.71 -5.42 25.83
N LEU A 333 22.93 -5.93 25.97
CA LEU A 333 23.27 -7.23 25.42
C LEU A 333 22.29 -8.28 25.95
N ARG A 334 21.86 -9.18 25.08
CA ARG A 334 20.85 -10.19 25.42
C ARG A 334 21.47 -11.46 26.04
N ARG A 335 20.91 -11.93 27.15
CA ARG A 335 21.44 -13.10 27.91
C ARG A 335 20.40 -14.15 28.25
N GLY A 336 20.89 -15.31 28.65
CA GLY A 336 20.06 -16.38 29.15
C GLY A 336 19.55 -17.37 28.12
N GLU A 337 18.67 -18.24 28.60
CA GLU A 337 18.12 -19.37 27.83
C GLU A 337 16.87 -18.96 27.11
N TYR A 338 16.74 -19.38 25.86
CA TYR A 338 15.54 -19.06 25.10
C TYR A 338 15.00 -20.29 24.41
N VAL A 339 13.68 -20.50 24.54
CA VAL A 339 12.97 -21.52 23.78
C VAL A 339 12.17 -20.82 22.71
N LEU A 340 12.52 -21.10 21.45
CA LEU A 340 12.06 -20.32 20.32
C LEU A 340 11.37 -21.14 19.25
N HIS A 341 10.11 -20.78 18.99
CA HIS A 341 9.24 -21.51 18.08
C HIS A 341 9.25 -20.95 16.68
N MET A 342 9.50 -21.85 15.73
CA MET A 342 10.04 -21.45 14.46
C MET A 342 9.02 -21.44 13.35
N TRP A 343 9.25 -20.50 12.45
CA TRP A 343 8.44 -20.28 11.28
C TRP A 343 8.92 -21.27 10.27
N GLN A 344 7.98 -21.87 9.56
CA GLN A 344 8.34 -22.84 8.57
C GLN A 344 8.25 -22.22 7.20
N ILE A 345 9.17 -22.60 6.35
CA ILE A 345 9.22 -22.08 5.01
C ILE A 345 8.12 -22.69 4.13
N SER A 346 7.60 -21.90 3.19
CA SER A 346 6.71 -22.40 2.15
C SER A 346 7.28 -22.15 0.73
N GLY A 347 7.20 -23.17 -0.12
CA GLY A 347 7.65 -23.04 -1.50
C GLY A 347 7.70 -24.34 -2.26
N PHE A 355 14.82 -11.15 -0.44
CA PHE A 355 13.80 -12.19 -0.41
C PHE A 355 12.45 -11.69 0.12
N ASN A 356 12.30 -11.65 1.45
CA ASN A 356 10.97 -11.58 2.06
C ASN A 356 10.98 -11.01 3.46
N ALA A 357 10.11 -10.03 3.72
CA ALA A 357 10.10 -9.32 5.00
C ALA A 357 9.67 -10.19 6.18
N ASP A 358 8.64 -11.01 5.97
CA ASP A 358 8.30 -12.06 6.91
C ASP A 358 9.57 -12.75 7.44
N LYS A 359 10.58 -12.93 6.58
CA LYS A 359 11.84 -13.57 7.00
C LYS A 359 12.62 -12.76 8.00
N LEU A 360 12.35 -11.46 8.09
CA LEU A 360 13.11 -10.61 8.98
C LEU A 360 12.59 -10.62 10.43
N THR A 361 11.36 -11.09 10.65
CA THR A 361 10.67 -10.74 11.90
C THR A 361 11.33 -11.26 13.15
N SER A 362 11.28 -10.43 14.18
CA SER A 362 11.71 -10.77 15.53
C SER A 362 10.62 -11.54 16.31
N ALA A 363 9.50 -11.78 15.65
CA ALA A 363 8.37 -12.48 16.24
C ALA A 363 8.59 -13.99 16.18
N THR A 364 7.96 -14.70 17.13
CA THR A 364 8.00 -16.17 17.19
C THR A 364 6.64 -16.77 16.90
N ASN A 365 6.65 -17.97 16.33
CA ASN A 365 5.43 -18.68 15.97
C ASN A 365 4.53 -18.93 17.20
N PRO A 366 3.29 -18.42 17.17
CA PRO A 366 2.38 -18.70 18.29
C PRO A 366 1.85 -20.13 18.35
N ASP A 367 1.94 -20.87 17.24
CA ASP A 367 1.47 -22.25 17.20
C ASP A 367 2.52 -23.13 17.87
N LYS A 368 2.47 -23.17 19.18
CA LYS A 368 3.47 -23.92 19.96
C LYS A 368 3.30 -25.43 19.85
N GLU A 369 2.10 -25.88 19.53
CA GLU A 369 1.78 -27.30 19.53
C GLU A 369 2.31 -28.03 18.30
N ASN A 370 2.32 -27.33 17.16
CA ASN A 370 2.76 -27.89 15.87
C ASN A 370 4.19 -27.52 15.45
N SER A 371 4.71 -26.40 15.98
CA SER A 371 5.95 -25.79 15.46
C SER A 371 7.25 -26.43 15.92
N MET A 372 8.21 -26.41 15.00
CA MET A 372 9.60 -26.64 15.30
C MET A 372 10.04 -25.60 16.30
N SER A 373 10.89 -26.00 17.22
CA SER A 373 11.37 -25.03 18.19
C SER A 373 12.82 -25.30 18.51
N ILE A 374 13.48 -24.35 19.17
CA ILE A 374 14.91 -24.43 19.34
C ILE A 374 15.43 -23.74 20.62
N SER A 375 16.03 -24.52 21.52
CA SER A 375 16.66 -24.02 22.74
C SER A 375 18.08 -23.59 22.48
N ILE A 376 18.51 -22.54 23.18
CA ILE A 376 19.85 -21.96 23.05
C ILE A 376 20.24 -21.26 24.37
N LEU A 377 21.47 -20.71 24.46
CA LEU A 377 21.90 -19.99 25.67
C LEU A 377 22.95 -18.90 25.47
N LEU A 378 22.74 -17.75 26.12
CA LEU A 378 23.69 -16.64 26.20
C LEU A 378 24.15 -16.33 27.63
N ASP A 379 25.45 -16.39 27.92
CA ASP A 379 26.02 -15.70 29.10
C ASP A 379 27.21 -14.91 28.62
N ASN A 380 26.91 -13.77 28.00
CA ASN A 380 27.95 -12.91 27.48
C ASN A 380 28.13 -11.67 28.35
N HIS A 383 27.23 -6.44 29.06
CA HIS A 383 26.25 -5.63 29.77
C HIS A 383 25.73 -4.44 28.94
N PRO A 384 26.59 -3.46 28.65
CA PRO A 384 26.10 -2.14 28.30
C PRO A 384 26.43 -1.69 26.88
N ILE A 385 26.22 -0.38 26.65
CA ILE A 385 26.92 0.49 25.67
C ILE A 385 25.91 1.39 24.95
N ALA A 386 26.28 2.66 24.71
CA ALA A 386 25.44 3.62 23.99
C ALA A 386 26.26 4.85 23.55
N ARG A 402 39.56 19.46 4.82
CA ARG A 402 40.09 18.17 4.39
C ARG A 402 41.12 18.36 3.25
N ALA A 403 41.27 17.39 2.34
CA ALA A 403 42.16 17.53 1.14
C ALA A 403 41.37 17.32 -0.16
N GLU A 404 41.99 17.63 -1.31
CA GLU A 404 41.22 17.75 -2.58
C GLU A 404 41.35 16.62 -3.61
N MET A 405 40.23 15.92 -3.81
CA MET A 405 40.10 14.75 -4.68
C MET A 405 40.39 14.93 -6.19
N PRO A 406 41.04 13.94 -6.82
CA PRO A 406 41.39 14.04 -8.24
C PRO A 406 40.22 13.80 -9.16
N ASN A 407 40.41 14.15 -10.43
CA ASN A 407 39.37 14.08 -11.45
C ASN A 407 38.82 12.68 -11.67
N GLN A 408 39.66 11.75 -12.08
CA GLN A 408 39.17 10.44 -12.56
C GLN A 408 38.49 9.65 -11.45
N LEU A 409 38.56 10.11 -10.20
CA LEU A 409 37.91 9.44 -9.06
C LEU A 409 36.59 10.08 -8.72
N ARG A 410 36.59 11.41 -8.66
CA ARG A 410 35.33 12.12 -8.54
C ARG A 410 34.36 11.47 -9.49
N LYS A 411 34.81 11.24 -10.72
CA LYS A 411 33.96 10.74 -11.78
C LYS A 411 33.49 9.30 -11.53
N GLN A 412 34.37 8.42 -11.06
CA GLN A 412 33.92 7.11 -10.63
C GLN A 412 32.82 7.26 -9.60
N LEU A 413 33.07 8.16 -8.65
CA LEU A 413 32.14 8.36 -7.56
C LEU A 413 30.79 8.83 -8.07
N GLU A 414 30.78 9.91 -8.85
CA GLU A 414 29.57 10.40 -9.47
C GLU A 414 28.87 9.28 -10.25
N ALA A 415 29.66 8.46 -10.96
CA ALA A 415 29.12 7.27 -11.61
C ALA A 415 28.32 6.43 -10.62
N ILE A 416 29.01 6.02 -9.55
CA ILE A 416 28.42 5.19 -8.51
C ILE A 416 27.18 5.82 -7.94
N ILE A 417 27.19 7.13 -7.78
CA ILE A 417 26.09 7.75 -7.13
C ILE A 417 24.94 7.85 -8.08
N ALA A 418 25.23 8.22 -9.33
CA ALA A 418 24.20 8.40 -10.35
C ALA A 418 23.29 7.17 -10.44
N THR A 419 23.94 6.00 -10.51
CA THR A 419 23.35 4.67 -10.37
C THR A 419 22.01 4.51 -9.67
N ASP A 420 21.24 3.53 -10.13
CA ASP A 420 19.93 3.14 -9.55
C ASP A 420 20.07 2.47 -8.18
N PRO A 421 18.95 2.25 -7.48
CA PRO A 421 19.03 1.65 -6.14
C PRO A 421 19.41 0.16 -6.15
N LEU A 422 18.95 -0.56 -7.17
CA LEU A 422 19.15 -2.00 -7.23
C LEU A 422 20.50 -2.36 -7.79
N ASN A 423 21.22 -1.40 -8.36
CA ASN A 423 22.54 -1.71 -8.87
C ASN A 423 23.53 -1.80 -7.71
N PRO A 424 24.10 -2.99 -7.53
CA PRO A 424 24.81 -3.31 -6.30
C PRO A 424 26.19 -2.71 -6.35
N LEU A 425 26.80 -2.54 -5.19
CA LEU A 425 28.11 -1.94 -5.18
C LEU A 425 29.18 -3.00 -5.13
N THR A 426 30.15 -2.89 -6.04
CA THR A 426 31.44 -3.54 -5.90
C THR A 426 32.07 -3.16 -4.55
N ALA A 427 32.96 -3.99 -4.05
CA ALA A 427 33.77 -3.62 -2.90
C ALA A 427 34.68 -2.43 -3.24
N GLU A 428 35.29 -2.46 -4.42
CA GLU A 428 35.93 -1.27 -4.98
C GLU A 428 35.04 -0.04 -4.82
N ASP A 429 33.76 -0.20 -5.12
CA ASP A 429 32.79 0.89 -5.04
C ASP A 429 32.61 1.34 -3.62
N LYS A 430 32.23 0.40 -2.77
CA LYS A 430 32.10 0.62 -1.34
C LYS A 430 33.29 1.27 -0.61
N GLU A 431 34.49 0.77 -0.82
CA GLU A 431 35.67 1.36 -0.20
C GLU A 431 35.84 2.77 -0.67
N LEU A 432 35.44 3.02 -1.92
CA LEU A 432 35.57 4.33 -2.55
C LEU A 432 34.66 5.31 -1.81
N LEU A 433 33.37 4.95 -1.76
CA LEU A 433 32.36 5.68 -1.02
C LEU A 433 32.83 5.97 0.40
N TRP A 434 33.49 5.02 1.03
CA TRP A 434 33.97 5.24 2.37
C TRP A 434 35.13 6.21 2.40
N HIS A 435 36.23 5.90 1.75
CA HIS A 435 37.35 6.80 1.81
C HIS A 435 36.91 8.24 1.59
N PHE A 436 36.03 8.41 0.61
CA PHE A 436 35.52 9.73 0.24
C PHE A 436 34.10 9.96 0.79
N ARG A 437 33.92 9.67 2.07
CA ARG A 437 32.65 9.85 2.71
C ARG A 437 32.25 11.31 2.75
N TYR A 438 33.16 12.22 3.08
CA TYR A 438 32.78 13.62 3.28
C TYR A 438 32.40 14.37 2.02
N GLU A 439 32.84 13.85 0.88
CA GLU A 439 32.43 14.38 -0.41
C GLU A 439 31.12 13.73 -0.85
N SER A 440 30.98 12.46 -0.52
CA SER A 440 29.74 11.74 -0.78
C SER A 440 28.59 12.44 -0.03
N LEU A 441 28.92 13.14 1.04
CA LEU A 441 27.92 13.71 1.90
C LEU A 441 27.27 14.91 1.26
N LYS A 442 27.96 15.52 0.31
CA LYS A 442 27.35 16.61 -0.42
C LYS A 442 26.31 16.14 -1.44
N HIS A 443 26.13 14.83 -1.58
CA HIS A 443 25.20 14.30 -2.56
C HIS A 443 24.14 13.45 -1.87
N PRO A 444 22.93 14.00 -1.70
CA PRO A 444 21.87 13.25 -1.00
C PRO A 444 21.51 11.92 -1.65
N LYS A 445 21.61 11.83 -2.98
CA LYS A 445 21.45 10.54 -3.67
C LYS A 445 22.50 9.49 -3.28
N ALA A 446 23.63 9.94 -2.73
CA ALA A 446 24.72 9.08 -2.31
C ALA A 446 24.41 8.37 -1.03
N TYR A 447 23.44 8.85 -0.26
CA TYR A 447 23.33 8.39 1.12
C TYR A 447 23.05 6.89 1.20
N PRO A 448 22.01 6.41 0.49
CA PRO A 448 21.73 4.95 0.52
C PRO A 448 22.99 4.16 0.21
N LYS A 449 23.61 4.52 -0.89
CA LYS A 449 24.84 3.89 -1.28
C LYS A 449 25.90 4.00 -0.20
N LEU A 450 26.11 5.22 0.27
CA LEU A 450 27.17 5.47 1.20
C LEU A 450 26.95 4.66 2.44
N PHE A 451 25.71 4.55 2.90
CA PHE A 451 25.49 3.85 4.18
C PHE A 451 25.47 2.35 4.06
N SER A 452 25.15 1.86 2.88
CA SER A 452 25.41 0.47 2.58
C SER A 452 26.90 0.25 2.24
N SER A 453 27.77 1.20 2.61
CA SER A 453 29.24 1.02 2.45
C SER A 453 29.95 1.02 3.79
N VAL A 454 29.21 0.65 4.84
CA VAL A 454 29.70 0.71 6.19
C VAL A 454 29.87 -0.71 6.66
N LYS A 455 31.07 -1.00 7.17
CA LYS A 455 31.31 -2.22 7.93
C LYS A 455 30.62 -1.94 9.24
N TRP A 456 29.34 -2.32 9.29
CA TRP A 456 28.52 -2.13 10.48
C TRP A 456 29.03 -3.01 11.62
N GLY A 457 29.78 -4.06 11.24
CA GLY A 457 30.47 -4.96 12.18
C GLY A 457 31.70 -4.41 12.91
N GLN A 458 32.06 -3.14 12.71
CA GLN A 458 33.15 -2.51 13.45
C GLN A 458 32.67 -1.30 14.20
N GLN A 459 32.89 -1.24 15.51
CA GLN A 459 32.29 -0.18 16.34
C GLN A 459 32.95 1.16 16.07
N GLU A 460 34.23 1.09 15.73
CA GLU A 460 35.02 2.26 15.41
C GLU A 460 34.44 3.02 14.19
N ILE A 461 34.03 2.24 13.20
CA ILE A 461 33.53 2.80 11.97
C ILE A 461 32.15 3.39 12.23
N VAL A 462 31.31 2.67 12.94
CA VAL A 462 29.95 3.15 13.14
C VAL A 462 29.97 4.48 13.86
N ALA A 463 30.89 4.62 14.82
CA ALA A 463 31.02 5.89 15.49
C ALA A 463 31.35 6.98 14.48
N LYS A 464 32.28 6.68 13.57
CA LYS A 464 32.71 7.65 12.55
C LYS A 464 31.53 8.01 11.71
N THR A 465 30.78 6.97 11.36
CA THR A 465 29.50 7.06 10.65
C THR A 465 28.51 7.97 11.36
N TYR A 466 28.49 7.87 12.69
CA TYR A 466 27.65 8.74 13.49
C TYR A 466 28.16 10.17 13.52
N GLN A 467 29.47 10.35 13.61
CA GLN A 467 30.02 11.69 13.46
C GLN A 467 29.74 12.19 12.06
N LEU A 468 29.66 11.27 11.11
CA LEU A 468 29.28 11.63 9.76
C LEU A 468 27.84 12.14 9.71
N LEU A 469 26.95 11.50 10.46
CA LEU A 469 25.59 11.97 10.55
C LEU A 469 25.47 13.36 11.25
N ALA A 470 26.41 13.70 12.13
CA ALA A 470 26.42 15.01 12.79
C ALA A 470 26.27 16.18 11.82
N ARG A 471 27.27 16.34 10.94
CA ARG A 471 27.30 17.44 9.96
C ARG A 471 26.30 17.21 8.84
N ARG A 472 25.02 17.38 9.15
CA ARG A 472 23.95 17.06 8.21
C ARG A 472 23.38 18.28 7.50
N GLU A 473 24.06 19.42 7.63
CA GLU A 473 23.71 20.61 6.88
C GLU A 473 23.07 20.28 5.52
N VAL A 474 23.71 19.40 4.74
CA VAL A 474 23.39 19.29 3.30
C VAL A 474 22.14 18.48 3.01
N TRP A 475 21.97 17.43 3.79
CA TRP A 475 20.76 16.65 3.80
C TRP A 475 19.60 17.45 4.42
N ASP A 476 19.78 17.92 5.66
CA ASP A 476 18.74 18.69 6.38
C ASP A 476 18.12 19.75 5.48
N GLN A 477 18.92 20.41 4.65
CA GLN A 477 18.43 21.48 3.81
C GLN A 477 17.95 21.06 2.42
N SER A 478 18.19 19.81 2.02
CA SER A 478 17.81 19.32 0.68
C SER A 478 16.29 19.19 0.48
N ALA A 479 15.84 19.27 -0.77
CA ALA A 479 14.44 19.11 -1.08
C ALA A 479 14.10 17.68 -0.77
N LEU A 480 12.88 17.45 -0.27
CA LEU A 480 12.40 16.11 0.02
C LEU A 480 12.34 15.31 -1.27
N ASP A 481 12.99 14.16 -1.23
CA ASP A 481 12.98 13.22 -2.32
C ASP A 481 12.46 11.94 -1.74
N VAL A 482 11.24 11.61 -2.07
CA VAL A 482 10.61 10.51 -1.43
C VAL A 482 11.33 9.23 -1.78
N GLY A 483 11.69 9.09 -3.04
CA GLY A 483 12.28 7.83 -3.50
C GLY A 483 13.55 7.57 -2.73
N LEU A 484 14.37 8.59 -2.68
CA LEU A 484 15.53 8.60 -1.85
C LEU A 484 15.17 8.32 -0.41
N THR A 485 14.18 9.03 0.12
CA THR A 485 13.80 8.85 1.53
C THR A 485 13.41 7.40 1.77
N MET A 486 12.39 6.92 1.07
CA MET A 486 12.01 5.50 1.16
C MET A 486 13.21 4.54 1.13
N GLN A 487 14.28 4.86 0.37
CA GLN A 487 15.34 3.85 0.14
C GLN A 487 16.03 3.52 1.41
N LEU A 488 16.14 4.55 2.25
CA LEU A 488 16.77 4.43 3.57
C LEU A 488 15.89 3.70 4.57
N LEU A 489 14.57 3.59 4.27
CA LEU A 489 13.62 2.75 5.08
C LEU A 489 13.48 1.24 4.73
N ASP A 490 14.16 0.74 3.70
CA ASP A 490 13.90 -0.62 3.25
C ASP A 490 14.74 -1.56 4.06
N CYS A 491 14.67 -2.83 3.73
CA CYS A 491 15.36 -3.87 4.48
C CYS A 491 16.90 -3.77 4.51
N ASN A 492 17.49 -3.12 3.51
CA ASN A 492 18.95 -2.95 3.46
C ASN A 492 19.52 -2.21 4.65
N PHE A 493 18.69 -1.40 5.31
CA PHE A 493 19.13 -0.54 6.42
C PHE A 493 18.47 -0.95 7.73
N SER A 494 19.31 -1.21 8.74
CA SER A 494 18.87 -1.60 10.07
C SER A 494 19.37 -0.62 11.15
N ASP A 495 20.03 0.48 10.78
CA ASP A 495 20.57 1.33 11.82
C ASP A 495 19.62 2.42 12.22
N GLU A 496 19.14 2.30 13.46
CA GLU A 496 18.32 3.30 14.16
C GLU A 496 18.44 4.73 13.60
N ASN A 497 19.65 5.26 13.60
CA ASN A 497 19.86 6.67 13.30
C ASN A 497 19.81 6.97 11.82
N VAL A 498 20.38 6.10 11.00
CA VAL A 498 20.24 6.29 9.56
C VAL A 498 18.76 6.39 9.20
N ARG A 499 18.01 5.39 9.65
CA ARG A 499 16.60 5.29 9.31
C ARG A 499 15.88 6.58 9.75
N ALA A 500 16.22 7.03 10.94
CA ALA A 500 15.55 8.19 11.47
C ALA A 500 15.81 9.49 10.69
N ILE A 501 16.93 9.63 10.01
CA ILE A 501 17.07 10.82 9.16
C ILE A 501 16.04 10.81 8.03
N ALA A 502 15.72 9.63 7.52
CA ALA A 502 14.79 9.52 6.40
C ALA A 502 13.47 10.01 6.88
N VAL A 503 13.11 9.61 8.08
CA VAL A 503 11.82 9.99 8.64
C VAL A 503 11.74 11.50 8.88
N GLN A 504 12.80 12.10 9.40
CA GLN A 504 12.87 13.55 9.50
C GLN A 504 12.37 14.22 8.21
N LYS A 505 12.76 13.66 7.08
CA LYS A 505 12.38 14.24 5.79
C LYS A 505 10.88 14.13 5.57
N LEU A 506 10.32 12.96 5.91
CA LEU A 506 8.88 12.70 5.81
C LEU A 506 8.03 13.68 6.62
N GLU A 507 8.55 14.09 7.78
CA GLU A 507 7.85 15.06 8.62
C GLU A 507 7.33 16.23 7.81
N SER A 508 7.94 16.49 6.66
CA SER A 508 7.64 17.68 5.87
C SER A 508 6.68 17.41 4.74
N LEU A 509 6.10 16.20 4.69
CA LEU A 509 5.02 15.88 3.77
C LEU A 509 3.74 16.48 4.23
N GLU A 510 2.94 17.02 3.32
CA GLU A 510 1.58 17.36 3.71
C GLU A 510 0.71 16.09 3.71
N ASP A 511 -0.38 16.12 4.51
CA ASP A 511 -1.29 14.98 4.69
C ASP A 511 -1.71 14.39 3.35
N ASP A 512 -1.84 15.25 2.35
CA ASP A 512 -2.04 14.79 0.99
C ASP A 512 -1.04 13.71 0.60
N ASP A 513 0.25 14.01 0.75
CA ASP A 513 1.27 13.08 0.34
C ASP A 513 1.41 11.99 1.32
N VAL A 514 1.07 12.22 2.57
CA VAL A 514 1.16 11.12 3.50
C VAL A 514 0.32 9.99 2.97
N LEU A 515 -0.93 10.31 2.60
CA LEU A 515 -1.85 9.31 2.06
C LEU A 515 -1.26 8.59 0.87
N HIS A 516 -0.75 9.34 -0.09
CA HIS A 516 -0.12 8.71 -1.23
C HIS A 516 0.76 7.52 -0.90
N TYR A 517 1.60 7.70 0.12
CA TYR A 517 2.63 6.74 0.50
C TYR A 517 2.25 5.97 1.77
N LEU A 518 1.13 6.30 2.36
CA LEU A 518 0.75 5.69 3.60
C LEU A 518 0.88 4.18 3.54
N LEU A 519 0.26 3.54 2.55
CA LEU A 519 0.25 2.08 2.54
C LEU A 519 1.65 1.51 2.59
N GLN A 520 2.52 2.10 1.80
CA GLN A 520 3.86 1.60 1.66
C GLN A 520 4.72 1.92 2.85
N LEU A 521 4.49 3.09 3.45
CA LEU A 521 5.07 3.43 4.74
C LEU A 521 4.61 2.46 5.84
N VAL A 522 3.34 2.07 5.82
CA VAL A 522 2.85 1.13 6.82
C VAL A 522 3.51 -0.25 6.60
N GLN A 523 3.75 -0.59 5.35
CA GLN A 523 4.44 -1.84 5.07
C GLN A 523 5.87 -1.78 5.62
N ALA A 524 6.53 -0.64 5.43
CA ALA A 524 7.96 -0.51 5.79
C ALA A 524 8.28 -0.79 7.27
N VAL A 525 7.26 -0.70 8.11
CA VAL A 525 7.36 -1.11 9.50
C VAL A 525 7.97 -2.51 9.58
N LYS A 526 7.67 -3.36 8.62
CA LYS A 526 8.19 -4.72 8.66
C LYS A 526 9.72 -4.77 8.68
N PHE A 527 10.33 -3.78 8.04
CA PHE A 527 11.76 -3.66 8.03
C PHE A 527 12.40 -3.03 9.28
N GLU A 528 11.60 -2.32 10.08
CA GLU A 528 12.11 -1.79 11.35
C GLU A 528 12.60 -2.95 12.24
N PRO A 529 13.77 -2.78 12.90
CA PRO A 529 14.24 -3.89 13.75
C PRO A 529 13.48 -4.00 15.07
N TYR A 530 12.91 -2.89 15.49
CA TYR A 530 12.24 -2.86 16.77
C TYR A 530 10.82 -2.54 16.53
N HIS A 531 10.04 -2.78 17.57
CA HIS A 531 8.63 -2.38 17.56
C HIS A 531 8.57 -0.86 17.54
N ASP A 532 8.90 -0.24 18.66
CA ASP A 532 8.90 1.21 18.80
C ASP A 532 9.97 1.90 17.91
N SER A 533 9.54 2.81 17.05
CA SER A 533 10.33 3.31 15.93
C SER A 533 9.82 4.69 15.50
N ALA A 534 10.75 5.56 15.15
CA ALA A 534 10.43 6.91 14.66
C ALA A 534 9.37 6.90 13.55
N LEU A 535 9.41 5.88 12.69
CA LEU A 535 8.47 5.76 11.58
C LEU A 535 7.09 5.37 12.11
N ALA A 536 7.08 4.31 12.90
CA ALA A 536 5.89 3.96 13.63
C ALA A 536 5.38 5.25 14.23
N ARG A 537 6.20 5.88 15.05
CA ARG A 537 5.72 7.07 15.73
C ARG A 537 5.21 8.12 14.76
N PHE A 538 5.80 8.20 13.56
CA PHE A 538 5.39 9.20 12.58
C PHE A 538 4.05 8.88 11.99
N LEU A 539 3.75 7.59 11.82
CA LEU A 539 2.46 7.20 11.29
C LEU A 539 1.37 7.49 12.32
N LEU A 540 1.65 6.99 13.51
CA LEU A 540 0.84 7.20 14.69
C LEU A 540 0.38 8.65 14.80
N LYS A 541 1.35 9.55 14.75
CA LYS A 541 1.09 10.98 14.88
C LYS A 541 0.10 11.34 13.80
N ARG A 542 0.55 11.24 12.55
CA ARG A 542 -0.17 11.81 11.42
C ARG A 542 -1.64 11.32 11.25
N GLY A 543 -1.98 10.13 11.76
CA GLY A 543 -3.36 9.63 11.70
C GLY A 543 -4.19 10.24 12.80
N LEU A 544 -3.54 10.44 13.95
CA LEU A 544 -4.19 11.15 15.02
C LEU A 544 -4.38 12.60 14.61
N ARG A 545 -3.56 13.10 13.69
CA ARG A 545 -3.68 14.47 13.25
C ARG A 545 -4.87 14.63 12.30
N ASN A 546 -4.99 13.73 11.34
CA ASN A 546 -5.98 13.85 10.27
C ASN A 546 -6.85 12.59 10.18
N LYS A 547 -8.17 12.80 10.17
CA LYS A 547 -9.10 11.69 10.25
C LYS A 547 -9.01 10.78 9.07
N ARG A 548 -8.74 11.33 7.89
CA ARG A 548 -8.65 10.51 6.69
C ARG A 548 -7.47 9.53 6.75
N ILE A 549 -6.30 10.09 7.00
CA ILE A 549 -5.13 9.27 7.29
C ILE A 549 -5.43 8.30 8.42
N GLY A 550 -5.86 8.82 9.56
CA GLY A 550 -6.27 7.94 10.64
C GLY A 550 -7.11 6.75 10.14
N HIS A 551 -8.17 7.06 9.42
CA HIS A 551 -9.05 6.05 8.89
C HIS A 551 -8.28 5.00 8.08
N PHE A 552 -7.46 5.45 7.14
CA PHE A 552 -6.84 4.47 6.26
C PHE A 552 -5.78 3.67 6.96
N LEU A 553 -5.08 4.37 7.87
CA LEU A 553 -4.17 3.75 8.78
C LEU A 553 -4.84 2.61 9.55
N PHE A 554 -6.06 2.80 10.01
CA PHE A 554 -6.76 1.72 10.72
C PHE A 554 -6.78 0.48 9.82
N TRP A 555 -7.46 0.62 8.68
CA TRP A 555 -7.73 -0.51 7.74
C TRP A 555 -6.47 -1.21 7.21
N PHE A 556 -5.42 -0.40 7.10
CA PHE A 556 -4.12 -0.88 6.68
C PHE A 556 -3.50 -1.72 7.76
N LEU A 557 -3.46 -1.21 8.97
CA LEU A 557 -2.92 -2.00 10.06
C LEU A 557 -3.80 -3.23 10.34
N ARG A 558 -5.13 -3.07 10.18
CA ARG A 558 -6.04 -4.19 10.47
C ARG A 558 -5.89 -5.30 9.43
N SER A 559 -5.88 -4.92 8.14
CA SER A 559 -5.52 -5.85 7.06
C SER A 559 -4.40 -6.80 7.44
N GLU A 560 -3.31 -6.27 8.02
CA GLU A 560 -2.08 -7.04 8.23
C GLU A 560 -2.11 -7.83 9.50
N ILE A 561 -2.71 -7.24 10.51
CA ILE A 561 -2.91 -7.95 11.77
C ILE A 561 -3.68 -9.27 11.52
N ALA A 562 -4.82 -9.18 10.84
CA ALA A 562 -5.66 -10.35 10.60
C ALA A 562 -4.98 -11.40 9.70
N GLN A 563 -4.19 -10.98 8.73
CA GLN A 563 -3.65 -11.96 7.79
C GLN A 563 -2.29 -12.54 8.14
N SER A 564 -1.50 -11.86 8.99
CA SER A 564 -0.09 -12.21 9.20
C SER A 564 0.22 -12.42 10.66
N ARG A 565 0.90 -13.52 10.98
CA ARG A 565 1.32 -13.78 12.35
C ARG A 565 2.71 -13.21 12.61
N HIS A 566 3.47 -13.04 11.54
CA HIS A 566 4.83 -12.52 11.62
C HIS A 566 4.89 -11.13 12.21
N TYR A 567 3.88 -10.33 11.88
CA TYR A 567 3.93 -8.92 12.22
C TYR A 567 2.68 -8.38 12.96
N GLN A 568 1.74 -9.26 13.30
CA GLN A 568 0.50 -8.77 13.90
C GLN A 568 0.73 -8.21 15.31
N GLN A 569 1.60 -8.84 16.08
CA GLN A 569 1.91 -8.31 17.40
C GLN A 569 2.35 -6.85 17.29
N ARG A 570 3.32 -6.60 16.42
CA ARG A 570 3.88 -5.27 16.33
C ARG A 570 2.84 -4.22 15.94
N PHE A 571 2.11 -4.52 14.87
CA PHE A 571 1.08 -3.64 14.35
C PHE A 571 0.01 -3.45 15.38
N ALA A 572 -0.51 -4.57 15.86
CA ALA A 572 -1.53 -4.51 16.90
C ALA A 572 -1.19 -3.45 17.97
N VAL A 573 0.08 -3.41 18.37
CA VAL A 573 0.49 -2.46 19.38
C VAL A 573 0.35 -1.01 18.91
N ILE A 574 0.77 -0.75 17.68
CA ILE A 574 0.68 0.57 17.10
C ILE A 574 -0.76 0.98 16.95
N LEU A 575 -1.60 0.07 16.47
CA LEU A 575 -3.01 0.40 16.25
C LEU A 575 -3.69 0.81 17.59
N GLU A 576 -3.53 0.00 18.63
CA GLU A 576 -4.11 0.30 19.93
C GLU A 576 -3.69 1.69 20.33
N ALA A 577 -2.43 2.01 20.04
CA ALA A 577 -1.92 3.34 20.30
C ALA A 577 -2.72 4.39 19.53
N TYR A 578 -2.96 4.16 18.24
CA TYR A 578 -3.87 5.04 17.46
C TYR A 578 -5.29 5.15 18.06
N LEU A 579 -5.94 4.00 18.28
CA LEU A 579 -7.34 4.00 18.68
C LEU A 579 -7.58 4.75 20.00
N ARG A 580 -6.56 4.69 20.84
CA ARG A 580 -6.60 5.34 22.11
C ARG A 580 -6.57 6.87 22.01
N GLY A 581 -6.40 7.41 20.79
CA GLY A 581 -6.40 8.85 20.60
C GLY A 581 -7.21 9.40 19.45
N CYS A 582 -7.77 8.53 18.62
CA CYS A 582 -8.62 8.98 17.51
C CYS A 582 -9.90 9.61 18.04
N GLY A 583 -10.29 9.25 19.25
CA GLY A 583 -11.41 9.90 19.90
C GLY A 583 -12.76 9.32 19.49
N THR A 584 -13.40 8.70 20.48
CA THR A 584 -14.81 8.25 20.49
C THR A 584 -15.65 8.29 19.21
N ALA A 585 -15.77 9.46 18.59
CA ALA A 585 -16.50 9.62 17.33
C ALA A 585 -16.13 8.52 16.36
N MET A 586 -14.83 8.41 16.12
CA MET A 586 -14.25 7.47 15.19
C MET A 586 -14.35 6.07 15.77
N LEU A 587 -14.03 5.94 17.05
CA LEU A 587 -14.22 4.67 17.75
C LEU A 587 -15.61 4.06 17.51
N HIS A 588 -16.62 4.91 17.33
CA HIS A 588 -17.95 4.44 16.96
C HIS A 588 -18.01 4.07 15.49
N ASP A 589 -17.54 4.98 14.65
CA ASP A 589 -17.51 4.74 13.22
C ASP A 589 -16.82 3.43 12.94
N PHE A 590 -15.60 3.28 13.46
CA PHE A 590 -14.83 2.06 13.28
C PHE A 590 -15.58 0.82 13.75
N THR A 591 -16.34 0.98 14.82
CA THR A 591 -17.07 -0.15 15.35
C THR A 591 -18.20 -0.49 14.39
N GLN A 592 -19.00 0.51 14.04
CA GLN A 592 -19.98 0.33 12.97
C GLN A 592 -19.34 -0.51 11.86
N GLN A 593 -18.24 0.00 11.33
CA GLN A 593 -17.68 -0.55 10.12
C GLN A 593 -17.29 -1.99 10.35
N VAL A 594 -16.63 -2.28 11.46
CA VAL A 594 -16.08 -3.63 11.64
C VAL A 594 -17.17 -4.69 11.74
N GLN A 595 -18.25 -4.38 12.44
CA GLN A 595 -19.32 -5.36 12.60
C GLN A 595 -19.87 -5.75 11.25
N VAL A 596 -20.04 -4.76 10.38
CA VAL A 596 -20.62 -4.98 9.07
C VAL A 596 -19.75 -5.90 8.26
N ILE A 597 -18.47 -5.58 8.17
CA ILE A 597 -17.62 -6.36 7.28
C ILE A 597 -17.38 -7.74 7.86
N GLU A 598 -17.58 -7.91 9.17
CA GLU A 598 -17.45 -9.24 9.77
C GLU A 598 -18.69 -10.09 9.43
N MET A 599 -19.87 -9.48 9.48
CA MET A 599 -21.09 -10.15 9.03
C MET A 599 -20.96 -10.58 7.57
N LEU A 600 -20.51 -9.68 6.70
CA LEU A 600 -20.61 -9.91 5.26
C LEU A 600 -19.62 -10.97 4.72
N GLN A 601 -18.52 -11.20 5.44
CA GLN A 601 -17.62 -12.31 5.13
C GLN A 601 -18.19 -13.67 5.52
N LYS A 602 -18.95 -13.73 6.62
CA LYS A 602 -19.69 -14.94 6.96
C LYS A 602 -20.42 -15.34 5.72
N VAL A 603 -21.24 -14.41 5.25
CA VAL A 603 -22.15 -14.67 4.16
C VAL A 603 -21.38 -15.01 2.89
N THR A 604 -20.29 -14.29 2.64
CA THR A 604 -19.47 -14.50 1.47
C THR A 604 -19.01 -15.94 1.33
N LEU A 605 -18.49 -16.46 2.43
CA LEU A 605 -17.91 -17.79 2.47
C LEU A 605 -19.00 -18.85 2.43
N ASP A 606 -20.07 -18.58 3.16
CA ASP A 606 -21.20 -19.49 3.22
C ASP A 606 -21.72 -19.79 1.83
N ILE A 607 -21.61 -18.81 0.97
CA ILE A 607 -22.13 -18.90 -0.38
C ILE A 607 -21.29 -19.78 -1.29
N LYS A 608 -19.96 -19.77 -1.12
CA LYS A 608 -19.08 -20.61 -1.94
C LYS A 608 -19.37 -22.09 -1.74
N SER A 609 -19.59 -22.46 -0.49
CA SER A 609 -19.98 -23.81 -0.08
C SER A 609 -21.10 -24.43 -0.94
N LEU A 610 -22.07 -23.59 -1.31
CA LEU A 610 -23.28 -24.06 -1.99
C LEU A 610 -23.11 -24.34 -3.47
N SER A 611 -22.80 -23.34 -4.29
CA SER A 611 -22.48 -23.58 -5.70
C SER A 611 -21.03 -24.06 -5.75
N ALA A 612 -20.86 -25.34 -6.06
CA ALA A 612 -19.58 -26.00 -5.89
C ALA A 612 -18.51 -25.30 -6.74
N GLU A 613 -18.28 -25.80 -7.94
CA GLU A 613 -17.54 -25.06 -8.95
C GLU A 613 -18.56 -24.64 -9.98
N LYS A 614 -19.22 -25.65 -10.53
CA LYS A 614 -20.26 -25.51 -11.55
C LYS A 614 -20.45 -24.07 -11.99
N TYR A 615 -19.93 -23.77 -13.18
CA TYR A 615 -19.90 -22.40 -13.74
C TYR A 615 -21.24 -21.67 -13.70
N ASP A 616 -22.34 -22.40 -13.45
CA ASP A 616 -23.65 -21.78 -13.14
C ASP A 616 -23.90 -21.57 -11.63
N VAL A 617 -24.73 -20.58 -11.34
CA VAL A 617 -25.16 -20.23 -9.99
C VAL A 617 -26.61 -20.67 -9.85
N SER A 618 -26.87 -21.71 -9.06
CA SER A 618 -28.23 -22.25 -8.99
C SER A 618 -29.20 -21.20 -8.46
N SER A 619 -30.43 -21.23 -9.00
CA SER A 619 -31.52 -20.40 -8.50
C SER A 619 -31.51 -20.39 -6.98
N GLN A 620 -31.50 -21.60 -6.42
CA GLN A 620 -31.46 -21.86 -4.98
C GLN A 620 -30.35 -21.07 -4.26
N VAL A 621 -29.22 -20.82 -4.94
CA VAL A 621 -28.18 -19.98 -4.34
C VAL A 621 -28.69 -18.55 -4.11
N ILE A 622 -29.11 -17.86 -5.18
CA ILE A 622 -29.68 -16.52 -5.03
C ILE A 622 -30.84 -16.53 -4.03
N SER A 623 -31.75 -17.48 -4.16
CA SER A 623 -32.76 -17.69 -3.14
C SER A 623 -32.16 -17.40 -1.76
N GLN A 624 -31.13 -18.17 -1.39
CA GLN A 624 -30.59 -18.09 -0.04
C GLN A 624 -29.71 -16.87 0.20
N LEU A 625 -28.94 -16.42 -0.80
CA LEU A 625 -28.17 -15.15 -0.69
C LEU A 625 -29.14 -14.05 -0.25
N LYS A 626 -30.20 -13.87 -1.03
CA LYS A 626 -31.27 -12.93 -0.71
C LYS A 626 -31.84 -13.20 0.69
N GLN A 627 -32.24 -14.45 0.96
CA GLN A 627 -32.86 -14.83 2.24
C GLN A 627 -32.00 -14.49 3.48
N LYS A 628 -30.68 -14.52 3.35
CA LYS A 628 -29.79 -14.14 4.46
C LYS A 628 -29.77 -12.64 4.71
N LEU A 629 -29.73 -11.88 3.62
CA LEU A 629 -29.52 -10.44 3.70
C LEU A 629 -30.70 -9.77 4.37
N GLU A 630 -31.85 -10.38 4.19
CA GLU A 630 -33.01 -10.04 4.99
C GLU A 630 -32.71 -10.44 6.44
N ASN A 631 -32.40 -11.72 6.67
CA ASN A 631 -32.12 -12.24 8.02
C ASN A 631 -30.95 -11.56 8.73
N LEU A 632 -30.22 -10.74 7.98
CA LEU A 632 -29.13 -9.93 8.53
C LEU A 632 -29.52 -8.49 8.83
N GLN A 633 -30.37 -7.90 8.01
CA GLN A 633 -30.79 -6.53 8.26
C GLN A 633 -31.82 -6.54 9.40
N ASN A 634 -32.69 -7.55 9.38
CA ASN A 634 -33.78 -7.76 10.35
C ASN A 634 -33.73 -7.07 11.70
N SER A 635 -32.59 -7.21 12.40
CA SER A 635 -32.43 -6.71 13.77
C SER A 635 -30.96 -6.63 14.30
N GLN A 636 -29.98 -6.80 13.41
CA GLN A 636 -28.59 -7.15 13.79
C GLN A 636 -27.55 -6.14 13.29
N LEU A 637 -27.57 -5.89 11.97
CA LEU A 637 -26.74 -4.90 11.26
C LEU A 637 -26.84 -3.47 11.83
N PRO A 638 -25.88 -2.58 11.48
CA PRO A 638 -26.03 -1.13 11.66
C PRO A 638 -26.95 -0.43 10.66
N GLU A 639 -27.66 0.58 11.15
CA GLU A 639 -28.42 1.46 10.28
C GLU A 639 -27.56 1.99 9.15
N SER A 640 -26.32 2.39 9.45
CA SER A 640 -25.43 3.00 8.45
C SER A 640 -23.96 2.76 8.78
N PHE A 641 -23.07 3.17 7.88
CA PHE A 641 -21.64 2.99 8.09
C PHE A 641 -20.73 3.60 7.01
N ARG A 642 -19.55 4.10 7.39
CA ARG A 642 -18.60 4.67 6.41
C ARG A 642 -18.04 3.58 5.54
N VAL A 643 -17.82 3.91 4.27
CA VAL A 643 -17.30 2.96 3.30
C VAL A 643 -15.80 2.98 3.45
N PRO A 644 -15.19 1.87 3.96
CA PRO A 644 -13.76 1.81 4.26
C PRO A 644 -12.88 2.38 3.16
N TYR A 645 -13.19 2.06 1.90
CA TYR A 645 -12.39 2.57 0.79
C TYR A 645 -12.75 3.99 0.36
N ASP A 646 -13.78 4.59 0.94
CA ASP A 646 -14.17 5.96 0.58
C ASP A 646 -14.89 6.55 1.77
N PRO A 647 -14.12 7.03 2.74
CA PRO A 647 -14.67 7.24 4.08
C PRO A 647 -15.64 8.42 4.23
N GLY A 648 -15.75 9.27 3.22
CA GLY A 648 -16.81 10.27 3.20
C GLY A 648 -18.20 9.74 2.91
N LEU A 649 -18.31 8.50 2.41
CA LEU A 649 -19.60 7.92 1.99
C LEU A 649 -20.18 7.01 3.06
N LYS A 650 -21.30 7.43 3.68
CA LYS A 650 -21.98 6.60 4.66
C LYS A 650 -23.10 5.80 4.00
N ALA A 651 -22.90 4.50 3.87
CA ALA A 651 -23.91 3.60 3.32
C ALA A 651 -24.98 3.35 4.33
N GLY A 652 -26.18 3.10 3.84
CA GLY A 652 -27.33 2.87 4.66
C GLY A 652 -27.80 1.44 4.53
N ALA A 653 -29.08 1.29 4.20
CA ALA A 653 -29.68 -0.02 4.12
C ALA A 653 -29.29 -0.68 2.81
N LEU A 654 -29.53 -1.98 2.73
CA LEU A 654 -29.23 -2.77 1.54
C LEU A 654 -30.37 -2.75 0.51
N ALA A 655 -30.00 -2.65 -0.77
CA ALA A 655 -30.93 -2.85 -1.87
C ALA A 655 -30.98 -4.33 -2.28
N ILE A 656 -31.70 -5.13 -1.50
CA ILE A 656 -31.61 -6.58 -1.60
C ILE A 656 -31.93 -7.09 -3.00
N GLU A 657 -33.01 -6.57 -3.56
CA GLU A 657 -33.36 -6.77 -4.97
C GLU A 657 -32.12 -6.90 -5.87
N LYS A 658 -31.16 -5.99 -5.70
CA LYS A 658 -30.04 -5.84 -6.62
C LYS A 658 -28.79 -6.58 -6.20
N CYS A 659 -28.85 -7.28 -5.07
CA CYS A 659 -27.71 -8.01 -4.57
C CYS A 659 -27.66 -9.44 -5.10
N LYS A 660 -26.46 -9.98 -5.23
CA LYS A 660 -26.30 -11.27 -5.87
C LYS A 660 -24.98 -11.93 -5.54
N VAL A 661 -24.71 -13.05 -6.21
CA VAL A 661 -23.39 -13.67 -6.29
C VAL A 661 -22.87 -13.44 -7.73
N MET A 662 -21.58 -13.57 -7.98
CA MET A 662 -21.06 -13.36 -9.31
C MET A 662 -20.70 -14.68 -9.97
N ALA A 663 -20.44 -14.63 -11.27
CA ALA A 663 -20.21 -15.85 -12.06
C ALA A 663 -18.86 -16.55 -11.83
N SER A 664 -18.02 -16.05 -10.92
CA SER A 664 -16.63 -16.51 -10.82
C SER A 664 -16.47 -18.00 -10.47
N LYS A 665 -15.28 -18.51 -10.76
CA LYS A 665 -14.80 -19.76 -10.17
C LYS A 665 -14.74 -19.57 -8.65
N LYS A 666 -14.41 -18.34 -8.22
CA LYS A 666 -14.72 -17.90 -6.86
C LYS A 666 -16.21 -17.63 -6.86
N LYS A 667 -16.73 -17.19 -5.72
CA LYS A 667 -18.11 -16.73 -5.65
C LYS A 667 -18.01 -15.47 -4.81
N PRO A 668 -17.87 -14.33 -5.51
CA PRO A 668 -17.88 -13.04 -4.90
C PRO A 668 -19.32 -12.56 -4.76
N LEU A 669 -19.54 -11.69 -3.77
CA LEU A 669 -20.83 -11.06 -3.56
C LEU A 669 -20.92 -9.73 -4.30
N TRP A 670 -22.09 -9.46 -4.87
CA TRP A 670 -22.38 -8.16 -5.45
C TRP A 670 -23.44 -7.53 -4.58
N LEU A 671 -23.06 -6.54 -3.80
CA LEU A 671 -23.97 -5.95 -2.85
C LEU A 671 -24.19 -4.50 -3.20
N GLU A 672 -25.41 -4.02 -3.02
CA GLU A 672 -25.73 -2.61 -3.22
C GLU A 672 -26.47 -2.07 -2.00
N PHE A 673 -26.01 -0.91 -1.51
CA PHE A 673 -26.65 -0.21 -0.40
C PHE A 673 -27.26 1.10 -0.84
N LYS A 674 -28.22 1.55 -0.03
CA LYS A 674 -28.78 2.90 -0.12
C LYS A 674 -27.79 3.85 0.56
N CYS A 675 -27.90 5.15 0.25
CA CYS A 675 -27.04 6.17 0.86
C CYS A 675 -27.69 6.75 2.11
N ALA A 676 -27.11 6.42 3.26
CA ALA A 676 -27.60 6.90 4.54
C ALA A 676 -27.89 8.40 4.48
N ASP A 677 -27.05 9.14 3.75
CA ASP A 677 -27.08 10.59 3.76
C ASP A 677 -28.17 11.17 2.86
N PRO A 678 -29.32 11.53 3.45
CA PRO A 678 -30.46 11.84 2.60
C PRO A 678 -30.33 13.18 1.87
N THR A 679 -29.32 13.97 2.22
CA THR A 679 -29.04 15.20 1.47
C THR A 679 -28.35 14.92 0.14
N ALA A 680 -28.03 13.65 -0.12
CA ALA A 680 -27.34 13.26 -1.36
C ALA A 680 -28.21 13.41 -2.62
N LEU A 681 -27.55 13.56 -3.76
CA LEU A 681 -28.19 14.00 -5.01
C LEU A 681 -28.94 12.93 -5.81
N SER A 682 -28.63 11.65 -5.56
CA SER A 682 -29.08 10.55 -6.42
C SER A 682 -29.73 9.41 -5.63
N ASN A 683 -30.48 8.58 -6.35
CA ASN A 683 -30.86 7.23 -5.87
C ASN A 683 -29.83 6.24 -6.48
N GLU A 684 -28.59 6.70 -6.64
CA GLU A 684 -27.52 5.89 -7.21
C GLU A 684 -26.84 5.16 -6.04
N THR A 685 -26.99 3.83 -6.00
CA THR A 685 -26.61 3.02 -4.84
C THR A 685 -25.10 2.98 -4.58
N ILE A 686 -24.73 2.46 -3.41
CA ILE A 686 -23.35 2.16 -3.11
C ILE A 686 -23.14 0.68 -3.37
N GLY A 687 -22.22 0.37 -4.26
CA GLY A 687 -21.98 -1.01 -4.70
C GLY A 687 -20.68 -1.53 -4.14
N ILE A 688 -20.70 -2.75 -3.63
CA ILE A 688 -19.51 -3.36 -3.08
C ILE A 688 -19.52 -4.84 -3.39
N ILE A 689 -18.37 -5.31 -3.87
CA ILE A 689 -18.12 -6.70 -4.11
C ILE A 689 -17.38 -7.22 -2.88
N PHE A 690 -17.61 -8.47 -2.49
CA PHE A 690 -16.82 -9.11 -1.42
C PHE A 690 -16.20 -10.40 -1.90
N LYS A 691 -14.89 -10.59 -1.72
CA LYS A 691 -14.28 -11.72 -2.40
C LYS A 691 -13.29 -12.53 -1.58
N HIS A 692 -13.72 -13.75 -1.28
CA HIS A 692 -12.78 -14.77 -0.87
C HIS A 692 -12.11 -15.40 -2.11
N GLY A 693 -10.84 -15.76 -1.98
CA GLY A 693 -10.16 -16.56 -3.01
C GLY A 693 -8.74 -16.14 -3.40
N ASP A 694 -8.55 -14.82 -3.54
CA ASP A 694 -7.26 -14.21 -3.85
C ASP A 694 -6.87 -13.30 -2.69
N ASP A 695 -5.57 -13.21 -2.40
CA ASP A 695 -5.04 -12.34 -1.34
C ASP A 695 -4.99 -10.92 -1.92
N LEU A 696 -5.86 -10.07 -1.37
CA LEU A 696 -6.07 -8.68 -1.87
C LEU A 696 -5.04 -7.63 -1.39
N ARG A 697 -4.13 -8.05 -0.51
CA ARG A 697 -3.10 -7.16 -0.05
C ARG A 697 -2.33 -6.71 -1.26
N GLN A 698 -2.15 -7.64 -2.20
CA GLN A 698 -1.37 -7.39 -3.44
C GLN A 698 -2.06 -6.37 -4.31
N ASP A 699 -3.36 -6.56 -4.47
CA ASP A 699 -4.20 -5.62 -5.21
C ASP A 699 -4.05 -4.25 -4.60
N MET A 700 -4.33 -4.11 -3.28
CA MET A 700 -4.16 -2.82 -2.55
C MET A 700 -2.88 -2.08 -3.03
N LEU A 701 -1.82 -2.86 -3.19
CA LEU A 701 -0.48 -2.35 -3.40
C LEU A 701 -0.34 -1.84 -4.81
N ILE A 702 -0.88 -2.64 -5.72
CA ILE A 702 -0.79 -2.30 -7.14
C ILE A 702 -1.59 -1.04 -7.39
N LEU A 703 -2.79 -1.01 -6.80
CA LEU A 703 -3.64 0.17 -6.86
C LEU A 703 -2.88 1.41 -6.34
N GLN A 704 -2.19 1.27 -5.20
CA GLN A 704 -1.63 2.47 -4.63
C GLN A 704 -0.53 2.97 -5.54
N ILE A 705 0.23 2.03 -6.08
CA ILE A 705 1.28 2.43 -6.98
C ILE A 705 0.63 3.17 -8.12
N LEU A 706 -0.46 2.60 -8.62
CA LEU A 706 -1.18 3.25 -9.71
C LEU A 706 -1.47 4.74 -9.48
N ARG A 707 -1.88 5.09 -8.26
CA ARG A 707 -2.20 6.48 -7.89
C ARG A 707 -0.99 7.35 -7.82
N ILE A 708 0.16 6.71 -7.65
CA ILE A 708 1.41 7.41 -7.60
C ILE A 708 1.82 7.80 -9.00
N MET A 709 1.84 6.83 -9.90
CA MET A 709 2.06 7.13 -11.31
C MET A 709 1.15 8.25 -11.76
N GLU A 710 -0.09 8.26 -11.29
CA GLU A 710 -1.02 9.35 -11.65
C GLU A 710 -0.53 10.71 -11.13
N SER A 711 -0.04 10.79 -9.88
CA SER A 711 0.48 12.05 -9.35
C SER A 711 1.77 12.43 -10.05
N ILE A 712 2.49 11.43 -10.53
CA ILE A 712 3.67 11.70 -11.35
C ILE A 712 3.29 12.39 -12.62
N TRP A 713 2.24 11.91 -13.26
CA TRP A 713 1.81 12.58 -14.49
C TRP A 713 1.20 13.94 -14.22
N GLU A 714 0.68 14.15 -13.01
CA GLU A 714 0.28 15.49 -12.59
C GLU A 714 1.47 16.46 -12.73
N THR A 715 2.71 15.98 -12.48
CA THR A 715 3.91 16.85 -12.51
C THR A 715 4.41 17.24 -13.90
N GLU A 716 3.86 16.62 -14.93
CA GLU A 716 4.11 17.03 -16.32
C GLU A 716 2.81 17.57 -16.91
N SER A 717 1.87 17.91 -16.04
CA SER A 717 0.51 18.29 -16.44
C SER A 717 -0.21 17.28 -17.35
N LEU A 718 -0.22 16.00 -16.94
CA LEU A 718 -0.82 14.90 -17.74
C LEU A 718 -1.86 14.08 -16.99
N ASP A 719 -3.06 13.99 -17.57
CA ASP A 719 -4.06 13.01 -17.14
C ASP A 719 -4.10 11.86 -18.11
N LEU A 720 -4.12 10.65 -17.55
CA LEU A 720 -4.23 9.41 -18.31
C LEU A 720 -5.45 8.58 -17.89
N CYS A 721 -6.31 9.18 -17.05
CA CYS A 721 -7.62 8.61 -16.71
C CYS A 721 -7.56 7.14 -16.26
N LEU A 722 -6.64 6.88 -15.34
CA LEU A 722 -6.63 5.59 -14.69
C LEU A 722 -7.87 5.52 -13.85
N LEU A 723 -8.27 4.29 -13.55
CA LEU A 723 -9.37 4.05 -12.66
C LEU A 723 -8.93 3.10 -11.53
N PRO A 724 -8.06 3.60 -10.62
CA PRO A 724 -7.64 2.83 -9.46
C PRO A 724 -8.74 2.78 -8.43
N TYR A 725 -9.69 1.88 -8.66
CA TYR A 725 -10.89 1.76 -7.85
C TYR A 725 -10.54 1.37 -6.43
N GLY A 726 -11.53 1.50 -5.55
CA GLY A 726 -11.42 1.15 -4.14
C GLY A 726 -11.35 -0.33 -3.85
N CYS A 727 -10.39 -0.68 -3.00
CA CYS A 727 -10.24 -2.06 -2.59
C CYS A 727 -9.50 -2.10 -1.24
N ILE A 728 -10.03 -2.89 -0.31
CA ILE A 728 -9.51 -2.97 1.02
C ILE A 728 -9.41 -4.42 1.47
N SER A 729 -8.19 -4.88 1.74
CA SER A 729 -7.99 -6.14 2.41
C SER A 729 -8.38 -6.01 3.89
N THR A 730 -9.14 -7.00 4.36
CA THR A 730 -9.90 -6.94 5.63
C THR A 730 -9.64 -8.13 6.57
N GLY A 731 -9.50 -9.33 5.97
CA GLY A 731 -9.14 -10.57 6.67
C GLY A 731 -8.43 -11.55 5.74
N ASP A 732 -8.49 -12.85 6.05
CA ASP A 732 -7.76 -13.89 5.29
C ASP A 732 -8.31 -14.24 3.87
N LYS A 733 -7.43 -14.09 2.87
CA LYS A 733 -7.76 -14.11 1.41
C LYS A 733 -9.15 -13.53 1.08
N ILE A 734 -9.49 -12.43 1.74
CA ILE A 734 -10.80 -11.86 1.64
C ILE A 734 -10.77 -10.33 1.91
N GLY A 735 -11.66 -9.62 1.23
CA GLY A 735 -11.76 -8.17 1.34
C GLY A 735 -12.91 -7.61 0.49
N MET A 736 -12.91 -6.28 0.30
CA MET A 736 -13.98 -5.62 -0.42
C MET A 736 -13.46 -4.74 -1.52
N ILE A 737 -14.38 -4.44 -2.44
CA ILE A 737 -14.11 -3.71 -3.69
C ILE A 737 -15.26 -2.79 -4.14
N GLU A 738 -14.86 -1.61 -4.60
CA GLU A 738 -15.77 -0.63 -5.15
C GLU A 738 -16.32 -1.17 -6.45
N ILE A 739 -17.62 -1.14 -6.61
CA ILE A 739 -18.18 -1.42 -7.91
C ILE A 739 -18.14 -0.10 -8.67
N VAL A 740 -17.60 -0.16 -9.88
CA VAL A 740 -17.54 1.01 -10.74
C VAL A 740 -18.79 1.07 -11.62
N LYS A 741 -19.62 2.08 -11.37
CA LYS A 741 -20.88 2.26 -12.08
C LYS A 741 -20.66 2.37 -13.58
N ASP A 742 -21.56 1.73 -14.34
CA ASP A 742 -21.62 1.80 -15.81
C ASP A 742 -20.36 1.31 -16.57
N ALA A 743 -19.79 0.19 -16.13
CA ALA A 743 -18.65 -0.44 -16.79
C ALA A 743 -18.93 -1.92 -17.10
N THR A 744 -18.36 -2.45 -18.17
CA THR A 744 -18.43 -3.89 -18.44
C THR A 744 -17.05 -4.42 -18.80
N THR A 745 -17.02 -5.72 -19.07
CA THR A 745 -15.80 -6.46 -19.31
C THR A 745 -15.48 -6.49 -20.79
N ILE A 746 -14.21 -6.37 -21.15
CA ILE A 746 -13.85 -6.45 -22.57
C ILE A 746 -14.30 -7.80 -23.12
N ALA A 747 -14.00 -8.85 -22.40
CA ALA A 747 -14.56 -10.16 -22.68
C ALA A 747 -16.03 -10.02 -23.07
N LYS A 748 -16.86 -9.57 -22.13
CA LYS A 748 -18.32 -9.58 -22.32
C LYS A 748 -18.78 -8.79 -23.54
N ILE A 749 -18.05 -7.72 -23.87
CA ILE A 749 -18.35 -6.95 -25.08
C ILE A 749 -18.19 -7.83 -26.32
N GLN A 750 -17.32 -8.82 -26.22
CA GLN A 750 -17.21 -9.87 -27.24
C GLN A 750 -18.38 -10.84 -27.05
N GLN A 751 -18.70 -11.20 -25.80
CA GLN A 751 -19.78 -12.16 -25.54
C GLN A 751 -21.20 -11.69 -25.91
N SER A 752 -21.36 -10.39 -26.16
CA SER A 752 -22.64 -9.82 -26.59
C SER A 752 -22.98 -10.25 -28.01
N THR A 753 -22.31 -9.65 -29.01
CA THR A 753 -22.60 -9.96 -30.42
C THR A 753 -22.33 -11.43 -30.68
N VAL A 754 -21.20 -11.91 -30.17
CA VAL A 754 -20.85 -13.33 -30.26
C VAL A 754 -20.91 -13.98 -28.87
N GLY A 755 -19.82 -13.94 -28.11
CA GLY A 755 -19.72 -14.70 -26.86
C GLY A 755 -19.56 -16.16 -27.14
N ASN A 756 -18.93 -16.46 -28.28
CA ASN A 756 -18.79 -17.81 -28.78
C ASN A 756 -17.88 -18.63 -27.87
N THR A 757 -17.56 -19.84 -28.31
CA THR A 757 -16.51 -20.63 -27.71
C THR A 757 -15.11 -20.04 -28.04
N GLY A 758 -14.97 -18.71 -27.97
CA GLY A 758 -13.67 -18.02 -28.04
C GLY A 758 -13.30 -17.27 -29.33
N ALA A 759 -14.29 -16.72 -30.04
CA ALA A 759 -14.02 -15.93 -31.26
C ALA A 759 -13.95 -14.44 -30.94
N PHE A 760 -13.20 -13.69 -31.75
CA PHE A 760 -13.01 -12.24 -31.55
C PHE A 760 -13.24 -11.44 -32.83
N LYS A 761 -13.91 -10.30 -32.69
CA LYS A 761 -14.09 -9.40 -33.83
C LYS A 761 -13.61 -7.99 -33.47
N ASP A 762 -13.21 -7.24 -34.49
CA ASP A 762 -12.44 -5.98 -34.35
C ASP A 762 -13.29 -4.69 -34.25
N GLU A 763 -14.40 -4.63 -35.01
CA GLU A 763 -15.24 -3.42 -35.08
C GLU A 763 -16.25 -3.32 -33.90
N VAL A 764 -16.26 -4.30 -33.01
CA VAL A 764 -17.32 -4.42 -31.97
C VAL A 764 -17.27 -3.43 -30.81
N LEU A 765 -16.09 -3.21 -30.21
CA LEU A 765 -15.92 -2.17 -29.20
C LEU A 765 -16.57 -0.88 -29.69
N ASN A 766 -16.10 -0.43 -30.85
CA ASN A 766 -16.49 0.86 -31.45
C ASN A 766 -18.01 1.09 -31.45
N HIS A 767 -18.78 0.03 -31.69
CA HIS A 767 -20.25 0.11 -31.68
C HIS A 767 -20.78 0.18 -30.25
N TRP A 768 -20.20 -0.62 -29.37
CA TRP A 768 -20.57 -0.62 -27.95
C TRP A 768 -20.47 0.78 -27.34
N LEU A 769 -19.65 1.63 -27.93
CA LEU A 769 -19.53 3.01 -27.51
C LEU A 769 -20.64 3.89 -28.10
N LYS A 770 -20.94 3.71 -29.40
CA LYS A 770 -21.95 4.54 -30.07
C LYS A 770 -23.38 4.31 -29.56
N GLU A 771 -23.71 3.10 -29.12
CA GLU A 771 -25.04 2.85 -28.57
C GLU A 771 -25.17 3.46 -27.17
N LYS A 772 -24.01 3.70 -26.55
CA LYS A 772 -23.90 4.32 -25.22
C LYS A 772 -23.50 5.80 -25.26
N SER A 773 -23.43 6.39 -26.45
CA SER A 773 -23.05 7.79 -26.59
C SER A 773 -24.19 8.54 -27.23
N PRO A 774 -25.06 9.14 -26.41
CA PRO A 774 -26.26 9.78 -26.96
C PRO A 774 -25.93 10.73 -28.12
N THR A 775 -24.91 11.57 -27.94
CA THR A 775 -24.49 12.46 -29.00
C THR A 775 -23.35 11.81 -29.74
N GLU A 776 -22.97 12.40 -30.87
CA GLU A 776 -21.80 11.96 -31.61
C GLU A 776 -20.57 12.69 -31.07
N GLU A 777 -20.76 13.89 -30.51
CA GLU A 777 -19.65 14.58 -29.86
C GLU A 777 -19.16 13.69 -28.73
N LYS A 778 -20.10 13.28 -27.87
CA LYS A 778 -19.80 12.42 -26.72
C LYS A 778 -19.09 11.14 -27.12
N PHE A 779 -19.47 10.57 -28.27
CA PHE A 779 -18.79 9.39 -28.75
C PHE A 779 -17.29 9.66 -28.92
N GLN A 780 -16.96 10.68 -29.72
CA GLN A 780 -15.55 10.96 -30.00
C GLN A 780 -14.82 11.36 -28.73
N ALA A 781 -15.59 11.83 -27.75
CA ALA A 781 -15.08 11.98 -26.39
C ALA A 781 -14.80 10.60 -25.80
N ALA A 782 -15.80 9.73 -25.79
CA ALA A 782 -15.61 8.36 -25.32
C ALA A 782 -14.39 7.72 -26.02
N VAL A 783 -14.21 8.03 -27.30
CA VAL A 783 -13.03 7.56 -28.01
C VAL A 783 -11.83 8.19 -27.35
N GLU A 784 -11.89 9.50 -27.18
CA GLU A 784 -10.83 10.26 -26.48
C GLU A 784 -10.41 9.67 -25.10
N ARG A 785 -11.36 9.58 -24.17
CA ARG A 785 -11.10 9.01 -22.84
C ARG A 785 -10.37 7.65 -22.97
N PHE A 786 -10.82 6.82 -23.92
CA PHE A 786 -10.21 5.51 -24.12
C PHE A 786 -8.76 5.58 -24.55
N VAL A 787 -8.45 6.54 -25.41
CA VAL A 787 -7.11 6.60 -25.96
C VAL A 787 -6.13 6.98 -24.85
N TYR A 788 -6.60 7.81 -23.92
CA TYR A 788 -5.86 8.07 -22.68
C TYR A 788 -5.79 6.83 -21.79
N SER A 789 -6.95 6.32 -21.38
CA SER A 789 -6.99 5.23 -20.43
C SER A 789 -6.23 4.06 -20.99
N CYS A 790 -6.44 3.75 -22.27
CA CYS A 790 -5.72 2.64 -22.86
C CYS A 790 -4.24 2.87 -22.73
N ALA A 791 -3.77 3.97 -23.29
CA ALA A 791 -2.34 4.30 -23.32
C ALA A 791 -1.64 4.25 -21.94
N GLY A 792 -2.27 4.85 -20.94
CA GLY A 792 -1.71 4.86 -19.59
C GLY A 792 -1.63 3.46 -19.01
N TYR A 793 -2.73 2.73 -19.11
CA TYR A 793 -2.78 1.36 -18.57
C TYR A 793 -1.75 0.46 -19.29
N CYS A 794 -1.52 0.72 -20.57
CA CYS A 794 -0.47 0.01 -21.35
C CYS A 794 0.91 0.23 -20.73
N VAL A 795 1.23 1.48 -20.40
CA VAL A 795 2.55 1.82 -19.90
C VAL A 795 2.78 1.29 -18.49
N ALA A 796 1.84 1.66 -17.60
CA ALA A 796 1.93 1.35 -16.19
C ALA A 796 2.00 -0.15 -16.00
N THR A 797 1.22 -0.86 -16.79
CA THR A 797 1.07 -2.30 -16.64
C THR A 797 2.40 -2.99 -17.05
N PHE A 798 3.05 -2.47 -18.10
CA PHE A 798 4.36 -2.96 -18.56
C PHE A 798 5.46 -2.76 -17.53
N VAL A 799 5.41 -1.64 -16.81
CA VAL A 799 6.43 -1.31 -15.81
C VAL A 799 6.39 -2.29 -14.63
N LEU A 800 5.18 -2.61 -14.20
CA LEU A 800 4.96 -3.48 -13.06
C LEU A 800 5.07 -4.95 -13.49
N GLY A 801 4.99 -5.19 -14.78
CA GLY A 801 5.19 -6.52 -15.28
C GLY A 801 3.93 -7.34 -15.10
N ILE A 802 2.78 -6.71 -15.28
CA ILE A 802 1.48 -7.39 -15.20
C ILE A 802 0.63 -7.11 -16.47
N GLY A 803 1.29 -7.21 -17.62
CA GLY A 803 0.76 -6.65 -18.87
C GLY A 803 -0.08 -7.61 -19.69
N ASP A 804 0.29 -8.88 -19.65
CA ASP A 804 -0.43 -9.92 -20.35
C ASP A 804 -1.56 -10.36 -19.45
N ARG A 805 -2.78 -9.92 -19.73
CA ARG A 805 -3.96 -10.28 -18.92
C ARG A 805 -5.00 -10.92 -19.82
N HIS A 806 -6.07 -11.45 -19.23
CA HIS A 806 -7.19 -11.91 -20.03
C HIS A 806 -8.02 -10.68 -20.45
N ASN A 807 -8.83 -10.80 -21.49
CA ASN A 807 -9.87 -9.81 -21.77
C ASN A 807 -10.80 -9.57 -20.57
N ASP A 808 -11.24 -10.68 -19.96
CA ASP A 808 -12.12 -10.69 -18.77
C ASP A 808 -11.65 -9.83 -17.58
N ASN A 809 -10.33 -9.67 -17.45
CA ASN A 809 -9.73 -8.88 -16.38
C ASN A 809 -9.32 -7.46 -16.86
N ILE A 810 -9.97 -7.00 -17.94
CA ILE A 810 -9.90 -5.60 -18.39
C ILE A 810 -11.31 -5.07 -18.57
N MET A 811 -11.49 -3.82 -18.20
CA MET A 811 -12.80 -3.22 -18.19
C MET A 811 -12.76 -1.84 -18.82
N ILE A 812 -13.90 -1.50 -19.45
CA ILE A 812 -14.15 -0.18 -19.98
C ILE A 812 -15.47 0.35 -19.39
N THR A 813 -15.52 1.65 -19.14
CA THR A 813 -16.74 2.33 -18.69
C THR A 813 -17.66 2.52 -19.90
N GLU A 814 -18.96 2.74 -19.68
CA GLU A 814 -19.86 3.12 -20.77
C GLU A 814 -19.38 4.42 -21.38
N THR A 815 -18.58 5.15 -20.60
CA THR A 815 -18.09 6.46 -20.95
C THR A 815 -16.60 6.46 -21.41
N GLY A 816 -16.11 5.32 -21.91
CA GLY A 816 -14.78 5.25 -22.53
C GLY A 816 -13.57 4.99 -21.64
N ASN A 817 -13.75 4.96 -20.33
CA ASN A 817 -12.61 4.75 -19.42
C ASN A 817 -12.24 3.26 -19.26
N LEU A 818 -11.18 2.88 -19.95
CA LEU A 818 -10.64 1.55 -19.82
C LEU A 818 -9.89 1.40 -18.51
N PHE A 819 -9.79 0.16 -18.03
CA PHE A 819 -9.01 -0.16 -16.83
C PHE A 819 -8.96 -1.67 -16.57
N HIS A 820 -7.82 -2.10 -16.02
CA HIS A 820 -7.60 -3.48 -15.57
C HIS A 820 -8.21 -3.72 -14.19
N ILE A 821 -8.41 -4.99 -13.86
CA ILE A 821 -8.92 -5.39 -12.54
C ILE A 821 -8.23 -6.66 -12.01
N ASP A 822 -8.69 -7.15 -10.86
CA ASP A 822 -8.42 -8.50 -10.37
C ASP A 822 -6.93 -8.78 -10.47
N PHE A 823 -6.12 -7.94 -9.82
CA PHE A 823 -4.67 -8.15 -9.82
C PHE A 823 -4.23 -9.32 -8.96
N GLY A 824 -5.08 -9.79 -8.06
CA GLY A 824 -4.75 -10.95 -7.21
C GLY A 824 -4.44 -12.21 -8.03
N HIS A 825 -4.89 -12.21 -9.28
CA HIS A 825 -4.76 -13.33 -10.22
C HIS A 825 -3.37 -13.36 -10.97
N GLU A 839 3.81 -18.13 -26.20
CA GLU A 839 4.20 -16.74 -26.40
C GLU A 839 3.60 -15.79 -25.35
N ARG A 840 4.36 -14.76 -25.02
CA ARG A 840 3.91 -13.74 -24.07
C ARG A 840 3.67 -12.45 -24.87
N VAL A 841 2.96 -11.50 -24.27
CA VAL A 841 2.73 -10.19 -24.87
C VAL A 841 2.92 -9.13 -23.78
N PRO A 842 3.71 -8.08 -24.07
CA PRO A 842 4.08 -7.11 -23.04
C PRO A 842 2.88 -6.42 -22.40
N PHE A 843 1.84 -6.17 -23.20
CA PHE A 843 0.55 -5.68 -22.68
C PHE A 843 -0.62 -5.97 -23.59
N VAL A 844 -1.83 -5.74 -23.08
CA VAL A 844 -3.04 -6.01 -23.86
C VAL A 844 -3.41 -4.80 -24.72
N LEU A 845 -2.84 -4.75 -25.91
CA LEU A 845 -3.31 -3.86 -26.97
C LEU A 845 -3.76 -4.78 -28.10
N THR A 846 -5.05 -5.12 -28.06
CA THR A 846 -5.64 -6.04 -29.01
C THR A 846 -6.12 -5.31 -30.29
N PRO A 847 -6.47 -6.07 -31.33
CA PRO A 847 -7.04 -5.49 -32.55
C PRO A 847 -8.36 -4.69 -32.37
N ASP A 848 -9.19 -5.06 -31.39
CA ASP A 848 -10.42 -4.31 -31.12
C ASP A 848 -10.10 -2.90 -30.62
N PHE A 849 -9.09 -2.82 -29.76
CA PHE A 849 -8.62 -1.57 -29.18
C PHE A 849 -8.15 -0.61 -30.27
N LEU A 850 -7.61 -1.15 -31.35
CA LEU A 850 -7.06 -0.34 -32.43
C LEU A 850 -8.09 0.12 -33.48
N PHE A 851 -9.14 -0.66 -33.74
CA PHE A 851 -10.17 -0.19 -34.67
C PHE A 851 -10.95 0.99 -34.12
N VAL A 852 -10.85 1.23 -32.82
CA VAL A 852 -11.32 2.49 -32.26
C VAL A 852 -10.36 3.61 -32.68
N MET A 853 -9.07 3.30 -32.75
CA MET A 853 -8.05 4.29 -33.11
C MET A 853 -8.01 4.58 -34.62
N GLY A 854 -8.91 3.96 -35.40
CA GLY A 854 -9.00 4.21 -36.84
C GLY A 854 -8.12 3.29 -37.67
N THR A 855 -7.48 2.32 -37.01
CA THR A 855 -6.47 1.47 -37.63
C THR A 855 -6.82 0.00 -37.46
N SER A 856 -6.44 -0.81 -38.45
CA SER A 856 -6.56 -2.25 -38.35
C SER A 856 -5.21 -2.89 -38.64
N GLY A 857 -4.70 -3.68 -37.69
CA GLY A 857 -3.45 -4.42 -37.85
C GLY A 857 -2.66 -4.03 -39.08
N LYS A 858 -1.85 -2.99 -38.94
CA LYS A 858 -0.90 -2.47 -39.97
C LYS A 858 -1.41 -1.25 -40.76
N LYS A 859 -1.63 -0.15 -40.04
CA LYS A 859 -1.65 1.22 -40.58
C LYS A 859 -1.44 2.25 -39.44
N THR A 860 -1.62 3.55 -39.72
CA THR A 860 -1.55 4.64 -38.72
C THR A 860 -2.80 5.53 -38.89
N SER A 861 -2.99 6.55 -38.04
CA SER A 861 -4.23 7.33 -38.07
C SER A 861 -4.12 8.59 -37.19
N PRO A 862 -5.13 9.50 -37.23
CA PRO A 862 -5.06 10.73 -36.40
C PRO A 862 -5.16 10.48 -34.89
N HIS A 863 -5.97 9.50 -34.50
CA HIS A 863 -6.13 9.13 -33.10
C HIS A 863 -5.10 8.11 -32.62
N PHE A 864 -4.53 7.32 -33.52
CA PHE A 864 -3.47 6.41 -33.13
C PHE A 864 -2.16 7.13 -32.95
N GLN A 865 -1.73 7.89 -33.94
CA GLN A 865 -0.55 8.75 -33.82
C GLN A 865 -0.54 9.32 -32.41
N LYS A 866 -1.69 9.87 -32.03
CA LYS A 866 -1.93 10.41 -30.70
C LYS A 866 -1.54 9.38 -29.64
N PHE A 867 -2.13 8.18 -29.71
CA PHE A 867 -1.89 7.12 -28.72
C PHE A 867 -0.40 6.88 -28.44
N GLN A 868 0.40 6.75 -29.49
CA GLN A 868 1.83 6.49 -29.34
C GLN A 868 2.53 7.71 -28.77
N ASP A 869 2.07 8.89 -29.21
CA ASP A 869 2.56 10.16 -28.70
C ASP A 869 2.50 10.08 -27.17
N ILE A 870 1.29 9.88 -26.66
CA ILE A 870 1.03 9.83 -25.22
C ILE A 870 1.86 8.74 -24.56
N CYS A 871 1.72 7.51 -25.06
CA CYS A 871 2.44 6.39 -24.48
C CYS A 871 3.88 6.72 -24.15
N VAL A 872 4.63 7.15 -25.16
CA VAL A 872 6.07 7.37 -25.02
C VAL A 872 6.34 8.51 -24.03
N LYS A 873 5.48 9.54 -24.08
CA LYS A 873 5.56 10.66 -23.14
C LYS A 873 5.31 10.20 -21.70
N ALA A 874 4.25 9.42 -21.51
CA ALA A 874 4.00 8.83 -20.21
C ALA A 874 5.22 8.02 -19.77
N TYR A 875 5.74 7.20 -20.68
CA TYR A 875 6.80 6.26 -20.36
C TYR A 875 8.08 6.94 -19.88
N LEU A 876 8.53 7.95 -20.61
CA LEU A 876 9.75 8.65 -20.21
C LEU A 876 9.48 9.55 -19.01
N ALA A 877 8.26 10.07 -18.88
CA ALA A 877 7.85 10.82 -17.68
C ALA A 877 8.13 9.99 -16.39
N LEU A 878 7.68 8.73 -16.38
CA LEU A 878 7.96 7.85 -15.22
C LEU A 878 9.44 7.61 -15.09
N ARG A 879 10.15 7.56 -16.22
CA ARG A 879 11.59 7.29 -16.19
C ARG A 879 12.31 8.42 -15.45
N HIS A 880 11.76 9.64 -15.51
CA HIS A 880 12.30 10.75 -14.74
C HIS A 880 12.22 10.46 -13.24
N HIS A 881 11.19 9.74 -12.79
CA HIS A 881 11.08 9.29 -11.40
C HIS A 881 11.39 7.81 -11.28
N THR A 882 12.48 7.39 -11.89
CA THR A 882 12.82 5.99 -11.88
C THR A 882 13.02 5.40 -10.47
N ASN A 883 14.00 5.94 -9.76
CA ASN A 883 14.38 5.34 -8.48
C ASN A 883 13.16 5.14 -7.60
N LEU A 884 12.25 6.13 -7.56
CA LEU A 884 11.00 5.96 -6.80
C LEU A 884 10.29 4.68 -7.17
N LEU A 885 10.06 4.49 -8.45
CA LEU A 885 9.26 3.36 -8.91
C LEU A 885 10.01 2.05 -8.56
N ILE A 886 11.34 2.05 -8.78
CA ILE A 886 12.20 0.93 -8.35
C ILE A 886 12.10 0.63 -6.86
N ILE A 887 12.16 1.65 -6.03
CA ILE A 887 12.14 1.38 -4.62
C ILE A 887 10.75 0.86 -4.23
N LEU A 888 9.68 1.45 -4.75
CA LEU A 888 8.35 1.02 -4.34
C LEU A 888 8.02 -0.38 -4.82
N PHE A 889 8.48 -0.74 -6.00
CA PHE A 889 8.19 -2.06 -6.59
C PHE A 889 8.90 -3.15 -5.78
N SER A 890 10.21 -2.97 -5.66
CA SER A 890 11.06 -3.81 -4.80
C SER A 890 10.38 -4.10 -3.47
N MET A 891 10.10 -3.05 -2.69
CA MET A 891 9.45 -3.20 -1.38
C MET A 891 8.12 -3.91 -1.52
N MET A 892 7.31 -3.45 -2.46
CA MET A 892 6.07 -4.14 -2.77
C MET A 892 6.29 -5.64 -2.88
N LEU A 893 7.20 -6.05 -3.75
CA LEU A 893 7.46 -7.47 -3.86
C LEU A 893 7.81 -8.03 -2.51
N MET A 894 8.70 -7.39 -1.77
CA MET A 894 9.14 -7.93 -0.49
C MET A 894 8.06 -8.03 0.59
N THR A 895 7.14 -7.07 0.64
CA THR A 895 6.12 -7.04 1.69
C THR A 895 4.81 -7.62 1.25
N GLY A 896 4.56 -7.60 -0.06
CA GLY A 896 3.25 -7.91 -0.61
C GLY A 896 3.07 -9.33 -1.14
N MET A 897 4.17 -9.97 -1.51
CA MET A 897 4.11 -11.14 -2.41
C MET A 897 4.26 -12.50 -1.79
N PRO A 898 4.22 -13.53 -2.65
CA PRO A 898 4.73 -14.84 -2.29
C PRO A 898 6.22 -14.74 -1.96
N GLN A 899 7.00 -15.75 -2.34
CA GLN A 899 8.46 -15.63 -2.40
C GLN A 899 8.84 -15.05 -3.78
N LEU A 900 9.91 -14.26 -3.79
CA LEU A 900 10.42 -13.63 -5.02
C LEU A 900 11.94 -13.58 -4.95
N THR A 901 12.58 -13.88 -6.09
CA THR A 901 14.02 -14.02 -6.14
C THR A 901 14.65 -12.65 -5.95
N SER A 902 15.46 -12.54 -4.89
CA SER A 902 16.10 -11.28 -4.44
C SER A 902 17.21 -10.79 -5.42
N LYS A 903 17.27 -11.39 -6.60
CA LYS A 903 17.78 -10.71 -7.77
C LYS A 903 16.67 -10.60 -8.79
N GLU A 904 16.27 -11.73 -9.34
CA GLU A 904 15.67 -11.75 -10.69
C GLU A 904 14.25 -11.19 -10.79
N ASP A 905 13.47 -11.33 -9.73
CA ASP A 905 12.06 -10.89 -9.76
C ASP A 905 12.01 -9.41 -9.53
N ILE A 906 12.75 -8.98 -8.52
CA ILE A 906 12.85 -7.57 -8.19
C ILE A 906 13.41 -6.84 -9.41
N GLU A 907 14.37 -7.47 -10.09
CA GLU A 907 15.14 -6.81 -11.14
C GLU A 907 14.44 -6.69 -12.48
N TYR A 908 13.22 -7.21 -12.61
CA TYR A 908 12.45 -7.02 -13.84
C TYR A 908 12.41 -5.55 -14.24
N ILE A 909 12.10 -4.71 -13.25
CA ILE A 909 11.69 -3.32 -13.49
C ILE A 909 12.76 -2.38 -14.01
N ARG A 910 14.03 -2.72 -13.85
CA ARG A 910 15.02 -1.83 -14.41
C ARG A 910 15.28 -2.07 -15.89
N ASP A 911 15.22 -3.34 -16.32
CA ASP A 911 15.16 -3.67 -17.76
C ASP A 911 13.87 -3.06 -18.41
N ALA A 912 12.78 -3.03 -17.64
CA ALA A 912 11.48 -2.50 -18.07
C ALA A 912 11.46 -0.99 -18.18
N LEU A 913 12.12 -0.31 -17.24
CA LEU A 913 12.31 1.16 -17.26
C LEU A 913 13.56 1.56 -18.06
N THR A 914 14.19 0.54 -18.65
CA THR A 914 15.17 0.73 -19.70
C THR A 914 16.22 1.72 -19.19
N VAL A 915 16.84 1.25 -18.12
CA VAL A 915 17.76 1.99 -17.31
C VAL A 915 19.10 2.10 -17.99
N GLY A 916 19.75 3.24 -17.75
CA GLY A 916 21.02 3.56 -18.39
C GLY A 916 20.80 4.24 -19.73
N LYS A 917 19.60 4.10 -20.28
CA LYS A 917 19.37 4.45 -21.68
C LYS A 917 18.83 5.87 -21.82
N ASN A 918 18.96 6.38 -23.03
CA ASN A 918 18.60 7.76 -23.35
C ASN A 918 17.19 7.82 -23.90
N GLU A 919 16.50 8.93 -23.64
CA GLU A 919 15.07 9.09 -24.01
C GLU A 919 14.77 8.61 -25.45
N GLU A 920 15.79 8.65 -26.31
CA GLU A 920 15.73 8.08 -27.65
C GLU A 920 15.71 6.54 -27.64
N ASP A 921 16.83 5.92 -27.28
CA ASP A 921 16.93 4.46 -27.13
C ASP A 921 15.70 3.88 -26.42
N ALA A 922 15.34 4.51 -25.30
CA ALA A 922 14.21 4.14 -24.44
C ALA A 922 12.86 4.16 -25.15
N LYS A 923 12.59 5.24 -25.87
CA LYS A 923 11.41 5.34 -26.74
C LYS A 923 11.38 4.17 -27.75
N LYS A 924 12.44 4.04 -28.55
CA LYS A 924 12.58 2.92 -29.50
C LYS A 924 12.57 1.55 -28.80
N TYR A 925 12.78 1.52 -27.49
CA TYR A 925 12.44 0.36 -26.70
C TYR A 925 10.93 0.23 -26.66
N PHE A 926 10.26 1.20 -26.05
CA PHE A 926 8.82 1.06 -25.79
C PHE A 926 8.03 0.90 -27.09
N LEU A 927 8.51 1.54 -28.15
CA LEU A 927 7.85 1.49 -29.46
C LEU A 927 7.80 0.08 -30.02
N ASP A 928 8.95 -0.58 -30.03
CA ASP A 928 9.02 -1.96 -30.51
C ASP A 928 8.24 -2.91 -29.60
N GLN A 929 7.97 -2.50 -28.36
CA GLN A 929 7.06 -3.21 -27.47
C GLN A 929 5.62 -3.20 -27.98
N ILE A 930 5.25 -2.11 -28.66
CA ILE A 930 3.93 -1.97 -29.25
C ILE A 930 3.81 -2.83 -30.50
N GLU A 931 4.87 -2.81 -31.31
CA GLU A 931 4.93 -3.62 -32.53
C GLU A 931 5.23 -5.12 -32.23
N VAL A 932 4.81 -5.58 -31.04
CA VAL A 932 4.70 -7.01 -30.69
C VAL A 932 3.22 -7.36 -30.60
N CYS A 933 2.45 -6.51 -29.95
CA CYS A 933 1.00 -6.65 -29.89
C CYS A 933 0.37 -6.53 -31.28
N ARG A 934 1.06 -5.84 -32.19
CA ARG A 934 0.63 -5.78 -33.58
C ARG A 934 0.87 -7.12 -34.27
N ASP A 935 2.05 -7.70 -34.07
CA ASP A 935 2.40 -8.98 -34.70
C ASP A 935 1.59 -10.14 -34.15
N LYS A 936 1.45 -10.16 -32.82
CA LYS A 936 0.66 -11.18 -32.15
C LYS A 936 -0.84 -10.98 -32.38
N GLY A 937 -1.35 -9.78 -32.08
CA GLY A 937 -2.78 -9.48 -32.13
C GLY A 937 -3.63 -10.31 -31.18
N TRP A 938 -4.51 -11.12 -31.75
CA TRP A 938 -5.35 -12.05 -31.00
C TRP A 938 -4.60 -13.28 -30.48
N THR A 939 -3.38 -13.51 -30.95
CA THR A 939 -2.63 -14.73 -30.67
C THR A 939 -2.62 -15.25 -29.22
N VAL A 940 -2.35 -14.40 -28.22
CA VAL A 940 -2.36 -14.84 -26.79
C VAL A 940 -3.73 -14.65 -26.13
N GLN A 941 -4.56 -13.70 -26.62
CA GLN A 941 -5.92 -13.58 -26.08
C GLN A 941 -6.59 -14.90 -26.36
N PHE A 942 -6.61 -15.21 -27.66
CA PHE A 942 -6.81 -16.55 -28.20
C PHE A 942 -6.49 -17.62 -27.13
N ASN A 943 -5.26 -17.59 -26.60
CA ASN A 943 -4.71 -18.69 -25.78
C ASN A 943 -5.26 -19.02 -24.38
N TRP A 944 -5.83 -18.09 -23.60
CA TRP A 944 -6.27 -18.43 -22.22
C TRP A 944 -7.03 -19.75 -22.19
N PHE A 945 -8.01 -19.87 -23.09
CA PHE A 945 -8.97 -20.96 -23.02
C PHE A 945 -8.39 -22.26 -23.49
N LEU A 946 -7.75 -22.27 -24.65
CA LEU A 946 -7.19 -23.51 -25.20
C LEU A 946 -6.41 -24.30 -24.12
N HIS A 947 -5.62 -23.59 -23.33
CA HIS A 947 -4.88 -24.19 -22.22
C HIS A 947 -5.78 -24.74 -21.10
N LEU A 948 -7.10 -24.52 -21.19
CA LEU A 948 -8.06 -25.27 -20.35
C LEU A 948 -7.69 -26.74 -20.38
N VAL A 949 -6.96 -27.17 -21.41
CA VAL A 949 -6.43 -28.54 -21.46
C VAL A 949 -4.92 -28.64 -21.76
N LEU A 950 -4.13 -27.63 -21.38
CA LEU A 950 -2.66 -27.72 -21.50
C LEU A 950 -2.01 -26.63 -20.68
C12 43R B . -13.56 -4.13 -9.54
C13 43R B . -14.28 -2.92 -10.16
C14 43R B . -12.88 -6.41 -9.61
C15 43R B . -13.38 -7.72 -9.51
C16 43R B . -12.60 -8.68 -8.82
C1 43R B . -20.96 -2.13 -13.32
C5 43R B . -17.61 -3.14 -11.77
C2 43R B . -19.79 -3.00 -12.89
O3 43R B . -19.88 -4.18 -13.15
N4 43R B . -18.73 -2.44 -12.25
N6 43R B . -16.56 -2.59 -11.22
C7 43R B . -15.57 -3.39 -10.80
C8 43R B . -15.83 -4.71 -10.99
S9 43R B . -17.41 -4.86 -11.76
C10 43R B . -14.94 -5.87 -10.60
N11 43R B . -13.59 -5.39 -10.29
C17 43R B . -11.38 -8.29 -8.26
N18 43R B . -10.94 -7.04 -8.36
C19 43R B . -11.65 -6.12 -9.01
O20 43R B . -13.02 -9.97 -8.66
C21 43R B . -14.24 -10.44 -9.28
#